data_3QV4
#
_entry.id   3QV4
#
_cell.length_a   89.087
_cell.length_b   101.148
_cell.length_c   163.690
_cell.angle_alpha   90.00
_cell.angle_beta   90.00
_cell.angle_gamma   90.00
#
_symmetry.space_group_name_H-M   'I 2 2 2'
#
loop_
_entity.id
_entity.type
_entity.pdbx_description
1 polymer 'Peptidoglycan recognition protein 1'
2 branched 2-acetamido-2-deoxy-beta-D-glucopyranose-(1-4)-2-acetamido-2-deoxy-beta-D-glucopyranose-(1-4)-2-acetamido-2-deoxy-beta-D-glucopyranose
3 non-polymer GLYCEROL
4 non-polymer 1,2-ETHANEDIOL
5 non-polymer DI(HYDROXYETHYL)ETHER
6 non-polymer ALANINE
7 non-polymer 'D-GLUTAMIC ACID'
8 non-polymer 'S,R MESO-TARTARIC ACID'
9 water water
#
_entity_poly.entity_id   1
_entity_poly.type   'polypeptide(L)'
_entity_poly.pdbx_seq_one_letter_code
;EDPPACGSIVPRREWRALASECRERLTRPVRYVVVSHTAGSHCDTPASCAQQAQNVQSYHVRNLGWCDVGYNFLIGEDGL
VYEGRGWNIKGAHAGPTWNPISIGISFMGNYMNRVPPPRALRAAQNLLACGVALGALRSNYEVKGHRDVQPTLSPGDRLY
EIIQTWSHYRA
;
_entity_poly.pdbx_strand_id   A,B,C,D
#
# COMPACT_ATOMS: atom_id res chain seq x y z
N GLU A 1 13.70 4.66 14.53
CA GLU A 1 13.53 4.34 15.97
C GLU A 1 12.06 4.43 16.39
N ASP A 2 11.22 3.63 15.74
CA ASP A 2 9.77 3.58 16.03
C ASP A 2 9.40 2.18 16.51
N PRO A 3 9.19 2.02 17.82
CA PRO A 3 8.83 0.71 18.42
C PRO A 3 7.44 0.57 19.04
N PRO A 4 6.44 1.39 18.62
CA PRO A 4 5.14 1.24 19.26
C PRO A 4 4.12 0.25 18.70
N ALA A 5 2.91 0.79 18.65
CA ALA A 5 1.68 0.15 18.22
C ALA A 5 2.12 -0.77 17.11
N CYS A 6 1.89 -1.95 17.40
CA CYS A 6 1.54 -2.93 16.39
C CYS A 6 1.02 -4.24 16.92
N GLY A 7 0.59 -5.06 15.96
CA GLY A 7 0.00 -6.35 16.23
C GLY A 7 0.51 -7.29 17.32
N SER A 8 -0.33 -8.28 17.58
CA SER A 8 -0.02 -9.31 18.56
C SER A 8 0.37 -10.56 17.75
N ILE A 9 1.27 -11.34 18.30
CA ILE A 9 1.80 -12.53 17.66
C ILE A 9 2.06 -13.58 18.74
N VAL A 10 1.72 -14.83 18.48
CA VAL A 10 1.97 -15.83 19.48
C VAL A 10 3.50 -15.96 19.42
N PRO A 11 4.18 -15.73 20.54
CA PRO A 11 5.65 -15.83 20.49
C PRO A 11 6.21 -17.25 20.54
N ARG A 12 7.44 -17.38 20.09
CA ARG A 12 8.11 -18.65 20.01
C ARG A 12 7.89 -19.53 21.21
N ARG A 13 8.24 -19.03 22.37
CA ARG A 13 8.10 -19.80 23.59
C ARG A 13 6.69 -20.31 23.86
N GLU A 14 5.67 -19.49 23.55
CA GLU A 14 4.28 -19.89 23.78
C GLU A 14 3.85 -21.11 22.94
N TRP A 15 4.35 -21.26 21.70
CA TRP A 15 3.93 -22.47 21.00
C TRP A 15 4.90 -23.64 21.25
N ARG A 16 5.75 -23.46 22.27
CA ARG A 16 6.75 -24.46 22.71
C ARG A 16 7.73 -24.92 21.63
N ALA A 17 8.28 -23.93 20.93
CA ALA A 17 9.21 -24.15 19.84
C ALA A 17 10.65 -24.42 20.28
N LEU A 18 11.30 -25.32 19.56
CA LEU A 18 12.68 -25.65 19.84
C LEU A 18 13.40 -24.38 19.49
N ALA A 19 14.53 -24.11 20.17
CA ALA A 19 15.31 -22.91 19.93
C ALA A 19 15.85 -22.86 18.52
N SER A 20 15.92 -21.65 17.96
CA SER A 20 16.43 -21.47 16.61
C SER A 20 17.95 -21.44 16.65
N GLU A 21 18.57 -21.93 15.57
CA GLU A 21 20.01 -21.93 15.45
C GLU A 21 20.32 -21.12 14.19
N CYS A 22 19.36 -20.35 13.69
CA CYS A 22 19.60 -19.55 12.50
C CYS A 22 20.32 -18.29 12.93
N ARG A 23 21.18 -17.76 12.06
CA ARG A 23 21.89 -16.55 12.42
C ARG A 23 22.04 -15.53 11.25
N GLU A 24 21.80 -15.98 10.02
CA GLU A 24 21.90 -15.03 8.90
C GLU A 24 20.70 -14.08 8.87
N ARG A 25 20.98 -12.78 8.79
CA ARG A 25 19.97 -11.73 8.81
C ARG A 25 19.52 -11.15 7.46
N LEU A 26 18.29 -10.64 7.44
CA LEU A 26 17.72 -10.03 6.25
C LEU A 26 18.10 -8.56 6.31
N THR A 27 18.08 -7.87 5.19
CA THR A 27 18.41 -6.46 5.23
C THR A 27 17.11 -5.68 5.29
N ARG A 28 17.01 -4.79 6.28
CA ARG A 28 15.83 -3.94 6.47
C ARG A 28 16.00 -2.75 5.54
N PRO A 29 14.93 -2.34 4.85
CA PRO A 29 13.58 -2.91 4.90
C PRO A 29 13.42 -3.88 3.73
N VAL A 30 12.68 -4.96 3.95
CA VAL A 30 12.45 -5.97 2.91
C VAL A 30 11.36 -5.59 1.92
N ARG A 31 11.63 -5.86 0.65
CA ARG A 31 10.71 -5.52 -0.43
C ARG A 31 9.65 -6.58 -0.75
N TYR A 32 9.95 -7.84 -0.48
CA TYR A 32 9.00 -8.89 -0.83
C TYR A 32 8.40 -9.74 0.27
N VAL A 33 7.17 -10.18 0.03
CA VAL A 33 6.51 -11.07 0.95
C VAL A 33 6.02 -12.19 0.05
N VAL A 34 6.28 -13.41 0.45
CA VAL A 34 5.88 -14.56 -0.33
C VAL A 34 4.93 -15.39 0.50
N VAL A 35 3.72 -15.55 -0.01
CA VAL A 35 2.67 -16.32 0.67
C VAL A 35 2.60 -17.77 0.21
N SER A 36 2.53 -18.67 1.18
CA SER A 36 2.47 -20.11 0.92
C SER A 36 1.51 -20.78 1.89
N HIS A 37 1.34 -22.08 1.70
CA HIS A 37 0.52 -22.85 2.61
C HIS A 37 1.41 -24.01 2.98
N THR A 38 1.04 -24.72 4.04
CA THR A 38 1.81 -25.84 4.52
C THR A 38 1.36 -27.19 3.93
N ALA A 39 0.24 -27.16 3.20
CA ALA A 39 -0.36 -28.35 2.58
C ALA A 39 -0.48 -29.40 3.66
N GLY A 40 -0.54 -28.93 4.90
CA GLY A 40 -0.64 -29.81 6.04
C GLY A 40 -2.04 -29.76 6.61
N SER A 41 -2.17 -30.23 7.84
CA SER A 41 -3.45 -30.25 8.52
C SER A 41 -3.86 -28.86 8.97
N HIS A 42 -5.14 -28.56 8.93
CA HIS A 42 -5.56 -27.26 9.40
C HIS A 42 -5.94 -27.42 10.88
N CYS A 43 -6.09 -26.29 11.56
CA CYS A 43 -6.41 -26.25 12.98
C CYS A 43 -7.27 -25.02 13.16
N ASP A 44 -8.25 -25.08 14.06
CA ASP A 44 -9.10 -23.90 14.27
C ASP A 44 -9.20 -23.38 15.71
N THR A 45 -8.25 -23.76 16.56
CA THR A 45 -8.26 -23.31 17.96
C THR A 45 -6.82 -23.02 18.37
N PRO A 46 -6.61 -22.10 19.31
CA PRO A 46 -5.26 -21.74 19.79
C PRO A 46 -4.42 -22.94 20.24
N ALA A 47 -5.07 -23.94 20.80
CA ALA A 47 -4.34 -25.09 21.28
C ALA A 47 -3.98 -26.04 20.16
N SER A 48 -4.90 -26.22 19.22
CA SER A 48 -4.63 -27.11 18.11
C SER A 48 -3.65 -26.47 17.12
N CYS A 49 -3.71 -25.15 17.00
CA CYS A 49 -2.82 -24.46 16.07
C CYS A 49 -1.38 -24.34 16.60
N ALA A 50 -1.21 -24.46 17.91
CA ALA A 50 0.13 -24.39 18.49
C ALA A 50 0.78 -25.75 18.23
N GLN A 51 -0.01 -26.80 18.35
CA GLN A 51 0.47 -28.15 18.12
C GLN A 51 0.97 -28.20 16.70
N GLN A 52 0.13 -27.71 15.79
CA GLN A 52 0.43 -27.67 14.39
C GLN A 52 1.69 -26.86 14.05
N ALA A 53 1.82 -25.67 14.61
CA ALA A 53 3.00 -24.88 14.35
C ALA A 53 4.19 -25.78 14.71
N GLN A 54 4.09 -26.39 15.88
CA GLN A 54 5.12 -27.28 16.40
C GLN A 54 5.48 -28.43 15.45
N ASN A 55 4.47 -29.01 14.81
CA ASN A 55 4.71 -30.12 13.89
C ASN A 55 5.41 -29.64 12.63
N VAL A 56 5.17 -28.38 12.26
CA VAL A 56 5.83 -27.86 11.07
C VAL A 56 7.30 -27.55 11.38
N GLN A 57 7.57 -26.90 12.51
CA GLN A 57 8.93 -26.59 12.89
C GLN A 57 9.67 -27.91 12.98
N SER A 58 9.02 -28.86 13.64
CA SER A 58 9.60 -30.18 13.83
C SER A 58 10.10 -30.79 12.53
N TYR A 59 9.20 -30.91 11.56
CA TYR A 59 9.55 -31.50 10.28
C TYR A 59 10.68 -30.72 9.58
N HIS A 60 10.71 -29.39 9.71
CA HIS A 60 11.77 -28.61 9.09
C HIS A 60 13.12 -28.78 9.78
N VAL A 61 13.10 -28.93 11.10
CA VAL A 61 14.35 -29.10 11.84
C VAL A 61 14.78 -30.56 11.87
N ARG A 62 13.96 -31.42 12.47
CA ARG A 62 14.28 -32.85 12.57
C ARG A 62 14.42 -33.62 11.24
N ASN A 63 13.67 -33.21 10.21
CA ASN A 63 13.74 -33.91 8.93
C ASN A 63 14.43 -33.23 7.78
N LEU A 64 14.32 -31.90 7.67
CA LEU A 64 14.98 -31.22 6.57
C LEU A 64 16.29 -30.57 7.03
N GLY A 65 16.60 -30.70 8.33
CA GLY A 65 17.84 -30.13 8.84
C GLY A 65 18.00 -28.63 8.77
N TRP A 66 16.90 -27.89 8.75
CA TRP A 66 17.01 -26.44 8.71
C TRP A 66 17.28 -25.99 10.13
N CYS A 67 17.69 -24.74 10.31
CA CYS A 67 18.01 -24.19 11.63
C CYS A 67 16.80 -23.81 12.45
N ASP A 68 15.64 -23.79 11.83
CA ASP A 68 14.43 -23.38 12.52
C ASP A 68 13.26 -23.63 11.58
N VAL A 69 12.04 -23.35 12.02
CA VAL A 69 10.89 -23.54 11.17
C VAL A 69 11.24 -22.72 9.94
N GLY A 70 10.91 -23.22 8.75
CA GLY A 70 11.26 -22.50 7.54
C GLY A 70 10.76 -21.08 7.36
N TYR A 71 9.51 -20.83 7.72
CA TYR A 71 8.88 -19.52 7.58
C TYR A 71 9.17 -18.42 8.61
N ASN A 72 8.98 -17.17 8.18
CA ASN A 72 9.17 -16.04 9.08
C ASN A 72 7.97 -15.92 10.02
N PHE A 73 6.78 -16.28 9.55
CA PHE A 73 5.57 -16.29 10.38
C PHE A 73 4.61 -17.30 9.77
N LEU A 74 3.75 -17.88 10.60
CA LEU A 74 2.75 -18.81 10.08
C LEU A 74 1.42 -18.22 10.52
N ILE A 75 0.36 -18.57 9.81
CA ILE A 75 -0.96 -18.09 10.15
C ILE A 75 -1.85 -19.26 10.45
N GLY A 76 -2.61 -19.17 11.54
CA GLY A 76 -3.50 -20.25 11.89
C GLY A 76 -4.93 -19.88 11.57
N GLU A 77 -5.77 -20.89 11.33
CA GLU A 77 -7.17 -20.64 11.02
C GLU A 77 -7.89 -20.13 12.25
N ASP A 78 -7.19 -20.14 13.38
CA ASP A 78 -7.77 -19.66 14.62
C ASP A 78 -7.70 -18.14 14.60
N GLY A 79 -7.06 -17.60 13.57
CA GLY A 79 -6.94 -16.17 13.46
C GLY A 79 -5.74 -15.58 14.18
N LEU A 80 -4.79 -16.42 14.57
CA LEU A 80 -3.61 -15.92 15.26
C LEU A 80 -2.37 -16.09 14.41
N VAL A 81 -1.41 -15.21 14.60
CA VAL A 81 -0.15 -15.26 13.87
C VAL A 81 0.86 -15.96 14.76
N TYR A 82 1.58 -16.93 14.21
CA TYR A 82 2.57 -17.64 15.00
C TYR A 82 3.94 -17.21 14.57
N GLU A 83 4.79 -16.91 15.56
CA GLU A 83 6.13 -16.45 15.25
C GLU A 83 7.06 -17.54 14.77
N GLY A 84 7.77 -17.23 13.69
CA GLY A 84 8.72 -18.16 13.12
C GLY A 84 10.09 -17.54 13.28
N ARG A 85 10.75 -17.30 12.15
CA ARG A 85 12.06 -16.69 12.23
C ARG A 85 11.94 -15.21 12.53
N GLY A 86 10.73 -14.67 12.42
CA GLY A 86 10.55 -13.26 12.69
C GLY A 86 10.93 -12.33 11.55
N TRP A 87 10.96 -11.03 11.82
CA TRP A 87 11.27 -10.04 10.80
C TRP A 87 12.73 -9.93 10.39
N ASN A 88 13.63 -10.25 11.31
CA ASN A 88 15.04 -10.07 11.06
C ASN A 88 15.91 -11.19 10.50
N ILE A 89 15.45 -12.43 10.61
CA ILE A 89 16.18 -13.60 10.14
C ILE A 89 15.70 -14.19 8.81
N LYS A 90 16.63 -14.45 7.90
CA LYS A 90 16.35 -15.02 6.59
C LYS A 90 15.62 -16.36 6.72
N GLY A 91 14.46 -16.48 6.10
CA GLY A 91 13.73 -17.73 6.16
C GLY A 91 14.31 -18.74 5.21
N ALA A 92 13.58 -19.82 4.96
CA ALA A 92 13.99 -20.89 4.05
C ALA A 92 12.79 -21.47 3.36
N HIS A 93 11.93 -20.58 2.88
CA HIS A 93 10.68 -20.99 2.26
C HIS A 93 10.65 -21.04 0.74
N ALA A 94 11.35 -20.13 0.08
CA ALA A 94 11.15 -19.95 -1.34
C ALA A 94 12.36 -20.04 -2.26
N GLY A 95 13.27 -20.96 -1.98
CA GLY A 95 14.41 -21.07 -2.86
C GLY A 95 15.54 -20.11 -2.51
N PRO A 96 16.75 -20.36 -3.03
CA PRO A 96 17.94 -19.56 -2.77
C PRO A 96 18.00 -18.14 -3.34
N THR A 97 17.21 -17.81 -4.36
CA THR A 97 17.29 -16.45 -4.87
C THR A 97 16.24 -15.57 -4.21
N TRP A 98 15.23 -16.17 -3.60
CA TRP A 98 14.18 -15.41 -2.93
C TRP A 98 14.28 -15.31 -1.40
N ASN A 99 14.80 -16.34 -0.75
CA ASN A 99 14.94 -16.34 0.71
C ASN A 99 15.75 -15.15 1.25
N PRO A 100 16.83 -14.77 0.54
CA PRO A 100 17.68 -13.65 0.95
C PRO A 100 17.04 -12.27 0.88
N ILE A 101 15.91 -12.16 0.20
CA ILE A 101 15.25 -10.87 0.06
C ILE A 101 13.75 -10.85 0.33
N SER A 102 13.24 -11.71 1.20
CA SER A 102 11.81 -11.70 1.45
C SER A 102 11.40 -12.34 2.77
N ILE A 103 10.17 -12.02 3.16
CA ILE A 103 9.55 -12.56 4.36
C ILE A 103 8.59 -13.58 3.79
N GLY A 104 8.58 -14.78 4.36
CA GLY A 104 7.66 -15.78 3.89
C GLY A 104 6.65 -16.10 4.97
N ILE A 105 5.36 -15.86 4.72
CA ILE A 105 4.33 -16.18 5.71
C ILE A 105 3.55 -17.32 5.09
N SER A 106 3.25 -18.34 5.89
CA SER A 106 2.55 -19.51 5.38
C SER A 106 1.26 -19.85 6.15
N PHE A 107 0.14 -19.94 5.44
CA PHE A 107 -1.11 -20.31 6.11
C PHE A 107 -1.02 -21.81 6.41
N MET A 108 -1.50 -22.22 7.58
CA MET A 108 -1.40 -23.61 7.96
C MET A 108 -2.56 -24.50 7.52
N GLY A 109 -2.41 -25.11 6.35
CA GLY A 109 -3.44 -25.98 5.83
C GLY A 109 -3.17 -26.23 4.35
N ASN A 110 -4.15 -26.81 3.66
CA ASN A 110 -4.00 -27.08 2.23
C ASN A 110 -5.13 -26.29 1.61
N TYR A 111 -4.80 -25.17 0.98
CA TYR A 111 -5.84 -24.35 0.43
C TYR A 111 -6.41 -24.58 -0.97
N MET A 112 -6.09 -25.75 -1.51
CA MET A 112 -6.33 -26.13 -2.89
C MET A 112 -7.83 -26.11 -3.17
N ASN A 113 -8.61 -26.63 -2.21
CA ASN A 113 -10.05 -26.72 -2.34
C ASN A 113 -10.83 -26.11 -1.17
N ARG A 114 -10.20 -25.18 -0.46
CA ARG A 114 -10.82 -24.50 0.68
C ARG A 114 -10.17 -23.14 0.78
N VAL A 115 -10.82 -22.19 1.44
CA VAL A 115 -10.20 -20.88 1.60
C VAL A 115 -9.96 -20.75 3.09
N PRO A 116 -8.94 -19.98 3.47
CA PRO A 116 -8.73 -19.84 4.92
C PRO A 116 -9.86 -18.90 5.34
N PRO A 117 -10.27 -18.92 6.62
CA PRO A 117 -11.33 -18.07 7.14
C PRO A 117 -10.95 -16.58 7.28
N PRO A 118 -11.92 -15.68 7.15
CA PRO A 118 -11.63 -14.24 7.26
C PRO A 118 -10.65 -13.84 8.36
N ARG A 119 -10.73 -14.50 9.52
CA ARG A 119 -9.82 -14.15 10.60
C ARG A 119 -8.37 -14.46 10.24
N ALA A 120 -8.17 -15.49 9.41
CA ALA A 120 -6.81 -15.82 9.01
C ALA A 120 -6.32 -14.72 8.07
N LEU A 121 -7.08 -14.46 7.00
CA LEU A 121 -6.68 -13.42 6.07
C LEU A 121 -6.46 -12.09 6.80
N ARG A 122 -7.32 -11.79 7.77
CA ARG A 122 -7.19 -10.55 8.56
C ARG A 122 -5.86 -10.51 9.31
N ALA A 123 -5.51 -11.59 9.99
CA ALA A 123 -4.27 -11.64 10.73
C ALA A 123 -3.09 -11.49 9.78
N ALA A 124 -3.10 -12.22 8.69
CA ALA A 124 -2.03 -12.12 7.73
C ALA A 124 -1.89 -10.68 7.31
N GLN A 125 -3.00 -10.02 7.00
CA GLN A 125 -2.92 -8.64 6.57
C GLN A 125 -2.42 -7.62 7.63
N ASN A 126 -2.83 -7.75 8.90
CA ASN A 126 -2.34 -6.83 9.95
C ASN A 126 -0.84 -7.01 10.10
N LEU A 127 -0.42 -8.26 10.03
CA LEU A 127 0.97 -8.61 10.17
C LEU A 127 1.77 -7.80 9.19
N LEU A 128 1.30 -7.74 7.95
CA LEU A 128 2.06 -6.98 6.98
C LEU A 128 2.03 -5.48 7.29
N ALA A 129 0.90 -4.98 7.74
CA ALA A 129 0.83 -3.56 8.08
C ALA A 129 1.86 -3.29 9.16
N CYS A 130 1.97 -4.25 10.08
CA CYS A 130 2.91 -4.14 11.18
C CYS A 130 4.34 -4.10 10.72
N GLY A 131 4.69 -4.98 9.78
CA GLY A 131 6.05 -5.01 9.29
C GLY A 131 6.41 -3.65 8.73
N VAL A 132 5.44 -3.02 8.08
CA VAL A 132 5.67 -1.71 7.50
C VAL A 132 5.89 -0.70 8.63
N ALA A 133 5.00 -0.75 9.62
CA ALA A 133 5.08 0.16 10.77
C ALA A 133 6.45 0.04 11.44
N LEU A 134 6.86 -1.19 11.74
CA LEU A 134 8.16 -1.44 12.37
C LEU A 134 9.32 -1.09 11.47
N GLY A 135 9.07 -1.02 10.17
CA GLY A 135 10.14 -0.70 9.25
C GLY A 135 10.86 -1.94 8.77
N ALA A 136 10.22 -3.09 8.91
CA ALA A 136 10.79 -4.36 8.48
C ALA A 136 10.43 -4.58 7.01
N LEU A 137 9.33 -3.97 6.57
CA LEU A 137 8.88 -4.06 5.19
C LEU A 137 8.86 -2.65 4.62
N ARG A 138 9.16 -2.53 3.33
CA ARG A 138 9.16 -1.24 2.65
C ARG A 138 7.71 -0.78 2.63
N SER A 139 7.48 0.52 2.59
CA SER A 139 6.09 0.96 2.54
C SER A 139 5.45 0.42 1.27
N ASN A 140 6.22 0.30 0.19
CA ASN A 140 5.68 -0.21 -1.08
C ASN A 140 6.04 -1.67 -1.31
N TYR A 141 6.03 -2.47 -0.24
CA TYR A 141 6.34 -3.89 -0.33
C TYR A 141 5.47 -4.57 -1.39
N GLU A 142 5.93 -5.72 -1.86
CA GLU A 142 5.20 -6.48 -2.88
C GLU A 142 4.89 -7.89 -2.42
N VAL A 143 3.64 -8.30 -2.59
CA VAL A 143 3.21 -9.64 -2.20
C VAL A 143 3.30 -10.56 -3.40
N LYS A 144 3.74 -11.79 -3.18
CA LYS A 144 3.86 -12.75 -4.27
C LYS A 144 3.38 -14.11 -3.81
N GLY A 145 2.88 -14.91 -4.75
CA GLY A 145 2.42 -16.23 -4.39
C GLY A 145 3.64 -17.13 -4.41
N HIS A 146 3.62 -18.23 -3.69
CA HIS A 146 4.78 -19.10 -3.69
C HIS A 146 5.02 -19.52 -5.14
N ARG A 147 3.96 -19.96 -5.79
CA ARG A 147 4.01 -20.41 -7.17
C ARG A 147 4.54 -19.36 -8.15
N ASP A 148 4.44 -18.09 -7.81
CA ASP A 148 4.95 -17.07 -8.72
C ASP A 148 6.49 -17.08 -8.75
N VAL A 149 7.10 -17.54 -7.65
CA VAL A 149 8.56 -17.57 -7.55
C VAL A 149 9.18 -18.97 -7.56
N GLN A 150 8.36 -20.00 -7.38
CA GLN A 150 8.85 -21.37 -7.41
C GLN A 150 7.79 -22.28 -8.04
N PRO A 151 8.21 -23.39 -8.65
CA PRO A 151 7.23 -24.28 -9.27
C PRO A 151 6.52 -25.08 -8.19
N THR A 152 5.29 -24.70 -7.91
CA THR A 152 4.52 -25.39 -6.86
C THR A 152 3.07 -24.97 -6.91
N LEU A 153 2.21 -25.68 -6.20
CA LEU A 153 0.81 -25.33 -6.19
C LEU A 153 0.59 -24.35 -5.05
N SER A 154 1.56 -24.29 -4.16
CA SER A 154 1.51 -23.40 -3.01
C SER A 154 1.17 -22.00 -3.54
N PRO A 155 0.28 -21.27 -2.86
CA PRO A 155 -0.44 -21.64 -1.64
C PRO A 155 -1.82 -22.28 -1.84
N GLY A 156 -2.01 -22.97 -2.95
CA GLY A 156 -3.29 -23.63 -3.20
C GLY A 156 -4.17 -22.74 -4.03
N ASP A 157 -4.75 -23.28 -5.10
CA ASP A 157 -5.62 -22.52 -6.00
C ASP A 157 -6.52 -21.46 -5.37
N ARG A 158 -7.28 -21.85 -4.36
CA ARG A 158 -8.21 -20.93 -3.72
C ARG A 158 -7.56 -19.74 -3.00
N LEU A 159 -6.59 -20.01 -2.13
CA LEU A 159 -5.92 -18.94 -1.42
C LEU A 159 -5.11 -18.14 -2.43
N TYR A 160 -4.73 -18.79 -3.53
CA TYR A 160 -3.96 -18.07 -4.53
C TYR A 160 -4.82 -17.00 -5.21
N GLU A 161 -6.04 -17.35 -5.62
CA GLU A 161 -6.85 -16.32 -6.26
C GLU A 161 -7.33 -15.26 -5.27
N ILE A 162 -7.30 -15.56 -3.97
CA ILE A 162 -7.69 -14.56 -2.97
C ILE A 162 -6.58 -13.52 -2.84
N ILE A 163 -5.34 -13.96 -2.61
CA ILE A 163 -4.26 -12.98 -2.47
C ILE A 163 -4.02 -12.15 -3.73
N GLN A 164 -4.45 -12.64 -4.89
CA GLN A 164 -4.25 -11.85 -6.11
C GLN A 164 -5.04 -10.55 -5.99
N THR A 165 -6.11 -10.57 -5.19
CA THR A 165 -6.92 -9.36 -5.00
C THR A 165 -6.36 -8.46 -3.90
N TRP A 166 -5.19 -8.80 -3.35
CA TRP A 166 -4.60 -7.97 -2.31
C TRP A 166 -4.00 -6.70 -2.92
N SER A 167 -4.13 -5.60 -2.19
CA SER A 167 -3.65 -4.30 -2.62
C SER A 167 -2.18 -4.33 -3.07
N HIS A 168 -1.37 -5.11 -2.37
CA HIS A 168 0.05 -5.18 -2.68
C HIS A 168 0.50 -6.29 -3.62
N TYR A 169 -0.43 -7.08 -4.16
CA TYR A 169 -0.05 -8.16 -5.05
C TYR A 169 0.51 -7.67 -6.38
N ARG A 170 1.57 -8.32 -6.85
CA ARG A 170 2.22 -8.00 -8.11
C ARG A 170 2.76 -9.33 -8.64
N ALA A 171 2.05 -9.91 -9.62
CA ALA A 171 2.42 -11.20 -10.22
C ALA A 171 3.92 -11.49 -10.28
N GLU B 1 -14.50 0.81 2.14
CA GLU B 1 -14.46 0.08 3.43
C GLU B 1 -13.21 0.41 4.27
N ASP B 2 -12.44 -0.63 4.62
CA ASP B 2 -11.26 -0.47 5.46
C ASP B 2 -10.39 -1.75 5.32
N PRO B 3 -9.62 -1.89 4.21
CA PRO B 3 -8.79 -3.08 4.03
C PRO B 3 -8.31 -3.75 5.32
N PRO B 4 -8.90 -4.91 5.67
CA PRO B 4 -8.62 -5.74 6.86
C PRO B 4 -7.37 -5.38 7.66
N ALA B 5 -7.49 -4.42 8.56
CA ALA B 5 -6.33 -4.01 9.37
C ALA B 5 -6.53 -3.82 10.88
N CYS B 6 -5.91 -2.76 11.41
CA CYS B 6 -5.90 -2.41 12.83
C CYS B 6 -5.66 -3.64 13.68
N GLY B 7 -6.39 -3.78 14.78
CA GLY B 7 -6.16 -4.93 15.66
C GLY B 7 -6.90 -6.24 15.43
N SER B 8 -6.91 -6.73 14.19
CA SER B 8 -7.56 -8.01 13.86
C SER B 8 -8.98 -8.23 14.39
N ILE B 9 -9.75 -7.17 14.56
CA ILE B 9 -11.10 -7.28 15.07
C ILE B 9 -12.13 -8.15 14.31
N VAL B 10 -12.81 -9.04 15.03
CA VAL B 10 -13.84 -9.89 14.42
C VAL B 10 -15.02 -8.95 14.21
N PRO B 11 -15.47 -8.74 12.97
CA PRO B 11 -16.60 -7.82 12.78
C PRO B 11 -17.95 -8.31 13.32
N ARG B 12 -18.84 -7.36 13.56
CA ARG B 12 -20.18 -7.65 14.06
C ARG B 12 -20.94 -8.75 13.37
N ARG B 13 -21.02 -8.65 12.06
CA ARG B 13 -21.65 -9.68 11.24
C ARG B 13 -21.03 -11.07 11.42
N GLU B 14 -19.71 -11.16 11.54
CA GLU B 14 -19.05 -12.47 11.72
C GLU B 14 -19.42 -13.18 13.03
N TRP B 15 -19.79 -12.47 14.08
CA TRP B 15 -20.17 -13.21 15.28
C TRP B 15 -21.71 -13.28 15.42
N ARG B 16 -22.37 -13.02 14.30
CA ARG B 16 -23.83 -13.05 14.13
C ARG B 16 -24.62 -12.10 15.03
N ALA B 17 -24.17 -10.85 15.06
CA ALA B 17 -24.77 -9.83 15.88
C ALA B 17 -26.05 -9.18 15.35
N LEU B 18 -27.03 -9.05 16.23
CA LEU B 18 -28.29 -8.42 15.86
C LEU B 18 -27.82 -7.01 15.54
N ALA B 19 -28.45 -6.35 14.58
CA ALA B 19 -28.03 -4.99 14.22
C ALA B 19 -28.10 -3.98 15.36
N SER B 20 -27.10 -3.12 15.45
CA SER B 20 -27.06 -2.10 16.50
C SER B 20 -28.15 -1.07 16.24
N GLU B 21 -28.60 -0.41 17.29
CA GLU B 21 -29.62 0.62 17.14
C GLU B 21 -29.18 1.85 17.93
N CYS B 22 -27.89 1.96 18.23
CA CYS B 22 -27.40 3.11 18.99
C CYS B 22 -27.02 4.27 18.08
N ARG B 23 -27.18 5.48 18.62
CA ARG B 23 -26.86 6.68 17.86
C ARG B 23 -26.01 7.68 18.63
N GLU B 24 -25.81 7.46 19.93
CA GLU B 24 -24.98 8.38 20.70
C GLU B 24 -23.54 8.20 20.26
N ARG B 25 -22.96 9.25 19.70
CA ARG B 25 -21.58 9.18 19.26
C ARG B 25 -20.61 9.63 20.37
N LEU B 26 -19.41 9.08 20.33
CA LEU B 26 -18.38 9.35 21.33
C LEU B 26 -17.41 10.44 20.85
N THR B 27 -16.96 11.30 21.76
CA THR B 27 -16.03 12.39 21.37
C THR B 27 -14.57 12.02 21.09
N ARG B 28 -14.24 11.77 19.83
CA ARG B 28 -12.87 11.45 19.44
C ARG B 28 -12.05 12.73 19.61
N PRO B 29 -10.85 12.65 20.23
CA PRO B 29 -10.17 11.47 20.79
C PRO B 29 -10.54 11.23 22.25
N VAL B 30 -10.54 9.96 22.63
CA VAL B 30 -10.90 9.52 23.98
C VAL B 30 -9.76 9.37 25.00
N ARG B 31 -10.03 9.77 26.25
CA ARG B 31 -9.05 9.75 27.34
C ARG B 31 -8.96 8.48 28.18
N TYR B 32 -10.11 7.93 28.52
CA TYR B 32 -10.16 6.76 29.37
C TYR B 32 -10.57 5.43 28.71
N VAL B 33 -10.08 4.35 29.30
CA VAL B 33 -10.36 3.01 28.86
C VAL B 33 -10.65 2.26 30.15
N VAL B 34 -11.86 1.73 30.28
CA VAL B 34 -12.24 1.00 31.47
C VAL B 34 -12.23 -0.50 31.17
N VAL B 35 -11.56 -1.28 32.00
CA VAL B 35 -11.51 -2.71 31.77
C VAL B 35 -12.39 -3.48 32.72
N SER B 36 -13.31 -4.26 32.17
CA SER B 36 -14.24 -5.05 32.95
C SER B 36 -14.20 -6.52 32.52
N HIS B 37 -14.92 -7.38 33.22
CA HIS B 37 -15.01 -8.76 32.81
C HIS B 37 -16.52 -8.97 32.75
N THR B 38 -16.98 -9.76 31.79
CA THR B 38 -18.42 -9.98 31.63
C THR B 38 -19.07 -10.74 32.80
N ALA B 39 -18.26 -11.59 33.42
CA ALA B 39 -18.65 -12.45 34.55
C ALA B 39 -19.62 -13.53 34.06
N GLY B 40 -19.50 -13.87 32.79
CA GLY B 40 -20.35 -14.90 32.21
C GLY B 40 -19.47 -16.10 31.96
N SER B 41 -19.90 -17.00 31.07
CA SER B 41 -19.10 -18.18 30.77
C SER B 41 -17.87 -17.76 29.95
N HIS B 42 -16.77 -18.49 30.05
CA HIS B 42 -15.64 -18.12 29.22
C HIS B 42 -15.55 -19.17 28.15
N CYS B 43 -14.93 -18.79 27.04
CA CYS B 43 -14.76 -19.64 25.87
C CYS B 43 -13.30 -19.49 25.44
N ASP B 44 -12.80 -20.42 24.64
CA ASP B 44 -11.43 -20.26 24.18
C ASP B 44 -11.18 -20.32 22.67
N THR B 45 -12.21 -20.71 21.93
CA THR B 45 -12.08 -21.06 20.52
C THR B 45 -12.86 -19.99 19.77
N PRO B 46 -12.58 -19.79 18.48
CA PRO B 46 -13.38 -18.76 17.81
C PRO B 46 -14.85 -19.15 17.80
N ALA B 47 -15.10 -20.45 17.69
CA ALA B 47 -16.46 -20.96 17.66
C ALA B 47 -17.17 -20.66 18.98
N SER B 48 -16.56 -21.04 20.09
CA SER B 48 -17.20 -20.81 21.39
C SER B 48 -17.30 -19.33 21.79
N CYS B 49 -16.33 -18.52 21.37
CA CYS B 49 -16.34 -17.12 21.73
C CYS B 49 -17.31 -16.25 20.93
N ALA B 50 -17.56 -16.58 19.66
CA ALA B 50 -18.51 -15.81 18.90
C ALA B 50 -19.86 -16.07 19.58
N GLN B 51 -20.15 -17.34 19.82
CA GLN B 51 -21.40 -17.70 20.47
C GLN B 51 -21.58 -16.97 21.80
N GLN B 52 -20.47 -16.68 22.47
CA GLN B 52 -20.54 -15.98 23.74
C GLN B 52 -20.81 -14.49 23.51
N ALA B 53 -20.16 -13.89 22.51
CA ALA B 53 -20.40 -12.47 22.22
C ALA B 53 -21.90 -12.32 21.95
N GLN B 54 -22.41 -13.27 21.16
CA GLN B 54 -23.83 -13.31 20.80
C GLN B 54 -24.68 -13.37 22.06
N ASN B 55 -24.31 -14.27 22.97
CA ASN B 55 -25.03 -14.44 24.21
C ASN B 55 -24.98 -13.20 25.10
N VAL B 56 -23.87 -12.48 25.10
CA VAL B 56 -23.79 -11.30 25.94
C VAL B 56 -24.66 -10.18 25.37
N GLN B 57 -24.56 -9.95 24.05
CA GLN B 57 -25.38 -8.91 23.42
C GLN B 57 -26.86 -9.24 23.58
N SER B 58 -27.20 -10.51 23.42
CA SER B 58 -28.60 -10.92 23.56
C SER B 58 -29.16 -10.60 24.94
N TYR B 59 -28.34 -10.72 25.97
CA TYR B 59 -28.83 -10.43 27.30
C TYR B 59 -29.01 -8.93 27.46
N HIS B 60 -28.18 -8.16 26.77
CA HIS B 60 -28.28 -6.70 26.85
C HIS B 60 -29.40 -6.13 26.00
N VAL B 61 -29.74 -6.81 24.93
CA VAL B 61 -30.78 -6.31 24.04
C VAL B 61 -32.18 -6.88 24.34
N ARG B 62 -32.32 -8.19 24.31
CA ARG B 62 -33.60 -8.82 24.57
C ARG B 62 -34.07 -8.62 26.01
N ASN B 63 -33.13 -8.57 26.94
CA ASN B 63 -33.50 -8.41 28.33
C ASN B 63 -33.39 -7.03 28.97
N LEU B 64 -32.21 -6.42 28.90
CA LEU B 64 -31.99 -5.11 29.50
C LEU B 64 -32.60 -3.97 28.70
N GLY B 65 -32.98 -4.25 27.46
CA GLY B 65 -33.57 -3.22 26.62
C GLY B 65 -32.60 -2.26 25.98
N TRP B 66 -31.29 -2.51 26.10
CA TRP B 66 -30.28 -1.63 25.51
C TRP B 66 -30.28 -1.64 23.98
N CYS B 67 -29.72 -0.58 23.39
CA CYS B 67 -29.65 -0.43 21.94
C CYS B 67 -28.65 -1.39 21.27
N ASP B 68 -27.78 -2.01 22.05
CA ASP B 68 -26.76 -2.93 21.54
C ASP B 68 -25.97 -3.49 22.75
N VAL B 69 -25.03 -4.40 22.50
CA VAL B 69 -24.18 -4.88 23.58
C VAL B 69 -23.53 -3.67 24.25
N GLY B 70 -23.47 -3.68 25.58
CA GLY B 70 -22.90 -2.56 26.29
C GLY B 70 -21.48 -2.10 25.94
N TYR B 71 -20.55 -3.05 25.82
CA TYR B 71 -19.15 -2.76 25.55
C TYR B 71 -18.74 -2.32 24.13
N ASN B 72 -17.67 -1.55 24.05
CA ASN B 72 -17.19 -1.09 22.76
C ASN B 72 -16.49 -2.25 22.08
N PHE B 73 -15.89 -3.12 22.90
CA PHE B 73 -15.20 -4.32 22.42
C PHE B 73 -15.17 -5.41 23.48
N LEU B 74 -15.15 -6.65 23.03
CA LEU B 74 -15.07 -7.82 23.90
C LEU B 74 -13.79 -8.60 23.53
N ILE B 75 -13.06 -9.10 24.53
CA ILE B 75 -11.83 -9.87 24.28
C ILE B 75 -12.09 -11.32 24.69
N GLY B 76 -11.95 -12.26 23.75
CA GLY B 76 -12.19 -13.65 24.09
C GLY B 76 -10.88 -14.32 24.48
N GLU B 77 -10.96 -15.43 25.20
CA GLU B 77 -9.74 -16.12 25.58
C GLU B 77 -9.08 -16.80 24.38
N ASP B 78 -9.81 -16.81 23.27
CA ASP B 78 -9.32 -17.40 22.03
C ASP B 78 -8.25 -16.45 21.51
N GLY B 79 -8.14 -15.28 22.14
CA GLY B 79 -7.15 -14.32 21.71
C GLY B 79 -7.60 -13.38 20.61
N LEU B 80 -8.89 -13.32 20.35
CA LEU B 80 -9.39 -12.44 19.32
C LEU B 80 -10.18 -11.34 20.00
N VAL B 81 -10.30 -10.20 19.33
CA VAL B 81 -11.04 -9.07 19.85
C VAL B 81 -12.38 -9.07 19.12
N TYR B 82 -13.48 -8.87 19.85
CA TYR B 82 -14.79 -8.84 19.20
C TYR B 82 -15.39 -7.47 19.21
N GLU B 83 -15.81 -7.03 18.03
CA GLU B 83 -16.38 -5.71 17.88
C GLU B 83 -17.75 -5.62 18.52
N GLY B 84 -17.84 -4.71 19.46
CA GLY B 84 -19.10 -4.47 20.13
C GLY B 84 -19.58 -3.21 19.46
N ARG B 85 -19.63 -2.11 20.21
CA ARG B 85 -20.08 -0.84 19.69
C ARG B 85 -19.02 -0.03 18.92
N GLY B 86 -17.76 -0.47 19.00
CA GLY B 86 -16.70 0.22 18.29
C GLY B 86 -16.11 1.47 18.93
N TRP B 87 -15.32 2.19 18.16
CA TRP B 87 -14.66 3.41 18.61
C TRP B 87 -15.53 4.64 18.48
N ASN B 88 -16.68 4.52 17.84
CA ASN B 88 -17.52 5.69 17.61
C ASN B 88 -18.84 5.84 18.36
N ILE B 89 -19.37 4.75 18.90
CA ILE B 89 -20.63 4.80 19.61
C ILE B 89 -20.42 4.75 21.12
N LYS B 90 -20.89 5.76 21.83
CA LYS B 90 -20.75 5.81 23.29
C LYS B 90 -21.21 4.47 23.83
N GLY B 91 -20.39 3.87 24.71
CA GLY B 91 -20.75 2.60 25.27
C GLY B 91 -21.75 2.71 26.40
N ALA B 92 -21.81 1.67 27.20
CA ALA B 92 -22.67 1.59 28.34
C ALA B 92 -22.10 0.52 29.19
N HIS B 93 -21.18 0.84 30.06
CA HIS B 93 -20.49 -0.24 30.69
C HIS B 93 -19.91 0.16 31.98
N ALA B 94 -19.90 1.46 32.24
CA ALA B 94 -19.41 1.99 33.50
C ALA B 94 -20.16 3.20 34.04
N GLY B 95 -21.47 3.22 33.86
CA GLY B 95 -22.25 4.34 34.36
C GLY B 95 -22.23 5.64 33.55
N PRO B 96 -23.16 6.56 33.84
CA PRO B 96 -23.32 7.86 33.18
C PRO B 96 -22.08 8.76 33.21
N THR B 97 -21.30 8.69 34.29
CA THR B 97 -20.10 9.52 34.38
C THR B 97 -19.07 9.15 33.32
N TRP B 98 -18.76 7.87 33.25
CA TRP B 98 -17.75 7.37 32.32
C TRP B 98 -18.12 6.94 30.89
N ASN B 99 -19.35 6.51 30.67
CA ASN B 99 -19.72 6.06 29.34
C ASN B 99 -19.49 7.08 28.20
N PRO B 100 -19.74 8.37 28.45
CA PRO B 100 -19.52 9.34 27.38
C PRO B 100 -18.06 9.76 27.18
N ILE B 101 -17.17 9.34 28.07
CA ILE B 101 -15.78 9.74 27.95
C ILE B 101 -14.71 8.65 27.82
N SER B 102 -15.04 7.43 28.22
CA SER B 102 -14.10 6.31 28.15
C SER B 102 -14.58 5.22 27.18
N ILE B 103 -13.65 4.37 26.76
CA ILE B 103 -13.95 3.26 25.87
C ILE B 103 -13.93 2.02 26.76
N GLY B 104 -15.00 1.24 26.72
CA GLY B 104 -15.04 0.06 27.55
C GLY B 104 -14.69 -1.20 26.80
N ILE B 105 -13.79 -2.00 27.38
CA ILE B 105 -13.40 -3.26 26.78
C ILE B 105 -13.64 -4.33 27.84
N SER B 106 -14.29 -5.42 27.46
CA SER B 106 -14.59 -6.45 28.42
C SER B 106 -14.05 -7.82 28.09
N PHE B 107 -13.46 -8.45 29.11
CA PHE B 107 -12.90 -9.80 28.99
C PHE B 107 -14.02 -10.79 29.28
N MET B 108 -14.23 -11.72 28.36
CA MET B 108 -15.27 -12.70 28.52
C MET B 108 -14.87 -13.85 29.42
N GLY B 109 -15.45 -13.84 30.62
CA GLY B 109 -15.18 -14.87 31.60
C GLY B 109 -15.20 -14.26 32.98
N ASN B 110 -15.02 -15.07 34.01
CA ASN B 110 -15.00 -14.55 35.37
C ASN B 110 -13.54 -14.61 35.69
N TYR B 111 -12.97 -13.51 36.15
CA TYR B 111 -11.56 -13.52 36.45
C TYR B 111 -11.28 -13.19 37.91
N MET B 112 -12.17 -13.69 38.76
CA MET B 112 -12.08 -13.52 40.19
C MET B 112 -11.10 -14.57 40.71
N ASN B 113 -11.23 -15.79 40.19
CA ASN B 113 -10.38 -16.89 40.62
C ASN B 113 -9.49 -17.39 39.47
N ARG B 114 -9.45 -16.65 38.37
CA ARG B 114 -8.67 -17.02 37.18
C ARG B 114 -8.07 -15.79 36.46
N VAL B 115 -7.12 -16.02 35.56
CA VAL B 115 -6.53 -14.93 34.76
C VAL B 115 -6.78 -15.26 33.30
N PRO B 116 -6.87 -14.24 32.46
CA PRO B 116 -7.09 -14.54 31.04
C PRO B 116 -5.74 -14.92 30.46
N PRO B 117 -5.73 -15.68 29.36
CA PRO B 117 -4.51 -16.13 28.68
C PRO B 117 -3.66 -14.97 28.19
N PRO B 118 -2.34 -15.19 28.04
CA PRO B 118 -1.52 -14.08 27.56
C PRO B 118 -2.10 -13.49 26.27
N ARG B 119 -2.54 -14.37 25.36
CA ARG B 119 -3.08 -13.92 24.08
C ARG B 119 -4.25 -12.97 24.24
N ALA B 120 -5.03 -13.15 25.30
CA ALA B 120 -6.15 -12.28 25.52
C ALA B 120 -5.58 -10.93 25.96
N LEU B 121 -4.58 -10.98 26.83
CA LEU B 121 -3.97 -9.75 27.29
C LEU B 121 -3.27 -9.05 26.09
N ARG B 122 -2.70 -9.82 25.17
CA ARG B 122 -2.06 -9.21 23.99
C ARG B 122 -3.08 -8.53 23.11
N ALA B 123 -4.14 -9.26 22.76
CA ALA B 123 -5.19 -8.71 21.91
C ALA B 123 -5.72 -7.40 22.49
N ALA B 124 -5.74 -7.31 23.81
CA ALA B 124 -6.24 -6.12 24.50
C ALA B 124 -5.43 -4.83 24.55
N GLN B 125 -4.13 -4.95 24.84
CA GLN B 125 -3.17 -3.85 24.75
C GLN B 125 -3.02 -3.48 23.27
N ASN B 126 -2.97 -4.52 22.44
CA ASN B 126 -2.85 -4.34 21.00
C ASN B 126 -4.06 -3.51 20.57
N LEU B 127 -5.25 -3.94 20.97
CA LEU B 127 -6.45 -3.20 20.62
C LEU B 127 -6.32 -1.71 20.95
N LEU B 128 -5.87 -1.38 22.16
CA LEU B 128 -5.71 0.02 22.52
C LEU B 128 -4.66 0.70 21.66
N ALA B 129 -3.56 0.01 21.41
CA ALA B 129 -2.50 0.55 20.59
C ALA B 129 -3.07 0.98 19.23
N CYS B 130 -3.92 0.13 18.65
CA CYS B 130 -4.52 0.44 17.36
C CYS B 130 -5.56 1.56 17.49
N GLY B 131 -6.01 1.81 18.72
CA GLY B 131 -6.97 2.87 18.90
C GLY B 131 -6.28 4.17 18.54
N VAL B 132 -5.14 4.40 19.20
CA VAL B 132 -4.33 5.59 18.99
C VAL B 132 -4.02 6.08 17.58
N ALA B 133 -3.59 5.15 16.72
CA ALA B 133 -3.39 5.38 15.30
C ALA B 133 -4.65 5.74 14.50
N LEU B 134 -5.81 5.57 15.10
CA LEU B 134 -7.06 5.89 14.40
C LEU B 134 -7.55 7.27 14.81
N GLY B 135 -7.20 7.69 16.01
CA GLY B 135 -7.62 8.99 16.50
C GLY B 135 -8.69 8.80 17.56
N ALA B 136 -9.14 7.56 17.69
CA ALA B 136 -10.15 7.17 18.66
C ALA B 136 -9.55 7.31 20.05
N LEU B 137 -8.35 6.78 20.23
CA LEU B 137 -7.67 6.86 21.50
C LEU B 137 -6.54 7.88 21.41
N ARG B 138 -6.51 8.79 22.37
CA ARG B 138 -5.46 9.81 22.40
C ARG B 138 -4.18 9.17 22.92
N SER B 139 -3.11 9.29 22.13
CA SER B 139 -1.81 8.71 22.44
C SER B 139 -1.43 8.57 23.91
N ASN B 140 -1.88 9.48 24.76
CA ASN B 140 -1.54 9.36 26.18
C ASN B 140 -2.77 9.05 27.01
N TYR B 141 -3.42 7.93 26.66
CA TYR B 141 -4.63 7.46 27.34
C TYR B 141 -4.40 6.86 28.70
N GLU B 142 -5.42 6.95 29.56
CA GLU B 142 -5.35 6.41 30.90
C GLU B 142 -6.28 5.21 31.01
N VAL B 143 -5.81 4.18 31.70
CA VAL B 143 -6.54 2.94 31.89
C VAL B 143 -7.01 2.73 33.33
N LYS B 144 -8.33 2.61 33.50
CA LYS B 144 -8.95 2.40 34.81
C LYS B 144 -9.56 1.02 34.83
N GLY B 145 -9.74 0.47 36.02
CA GLY B 145 -10.36 -0.83 36.14
C GLY B 145 -11.81 -0.53 36.47
N HIS B 146 -12.69 -1.52 36.36
CA HIS B 146 -14.11 -1.28 36.65
C HIS B 146 -14.29 -0.88 38.12
N ARG B 147 -13.53 -1.52 39.01
CA ARG B 147 -13.61 -1.22 40.45
C ARG B 147 -13.33 0.25 40.67
N ASP B 148 -12.30 0.72 39.98
CA ASP B 148 -11.86 2.09 40.11
C ASP B 148 -12.89 3.15 39.69
N VAL B 149 -13.95 2.75 39.01
CA VAL B 149 -14.92 3.72 38.55
C VAL B 149 -16.33 3.45 39.01
N GLN B 150 -16.55 2.29 39.62
CA GLN B 150 -17.90 1.95 40.00
C GLN B 150 -17.93 0.71 40.88
N PRO B 151 -18.57 0.81 42.06
CA PRO B 151 -18.63 -0.35 42.96
C PRO B 151 -18.96 -1.67 42.24
N THR B 152 -17.90 -2.42 41.90
CA THR B 152 -18.03 -3.72 41.24
C THR B 152 -16.85 -4.61 41.56
N LEU B 153 -17.10 -5.90 41.63
CA LEU B 153 -16.02 -6.83 41.88
C LEU B 153 -15.31 -7.01 40.54
N SER B 154 -15.97 -6.55 39.47
CA SER B 154 -15.43 -6.59 38.12
C SER B 154 -14.15 -5.75 38.08
N PRO B 155 -13.13 -6.16 37.28
CA PRO B 155 -13.01 -7.31 36.38
C PRO B 155 -12.47 -8.58 37.02
N GLY B 156 -12.55 -8.67 38.35
CA GLY B 156 -12.05 -9.86 39.02
C GLY B 156 -10.73 -9.60 39.72
N ASP B 157 -10.53 -10.23 40.87
CA ASP B 157 -9.31 -10.04 41.64
C ASP B 157 -8.05 -10.27 40.80
N ARG B 158 -7.87 -11.48 40.31
CA ARG B 158 -6.69 -11.81 39.51
C ARG B 158 -6.46 -10.99 38.25
N LEU B 159 -7.51 -10.63 37.52
CA LEU B 159 -7.33 -9.82 36.31
C LEU B 159 -7.01 -8.40 36.72
N TYR B 160 -7.67 -7.93 37.78
CA TYR B 160 -7.44 -6.58 38.27
C TYR B 160 -5.95 -6.35 38.60
N GLU B 161 -5.32 -7.33 39.23
CA GLU B 161 -3.90 -7.25 39.58
C GLU B 161 -3.07 -6.95 38.35
N ILE B 162 -3.33 -7.70 37.26
CA ILE B 162 -2.60 -7.55 36.02
C ILE B 162 -2.78 -6.17 35.39
N ILE B 163 -4.02 -5.70 35.41
CA ILE B 163 -4.37 -4.39 34.85
C ILE B 163 -3.52 -3.27 35.45
N GLN B 164 -3.11 -3.44 36.71
CA GLN B 164 -2.31 -2.43 37.39
C GLN B 164 -0.86 -2.34 36.90
N THR B 165 -0.36 -3.45 36.38
CA THR B 165 1.01 -3.52 35.86
C THR B 165 1.13 -2.69 34.58
N TRP B 166 0.07 -2.73 33.77
CA TRP B 166 0.06 -2.01 32.51
C TRP B 166 0.61 -0.60 32.64
N SER B 167 1.32 -0.18 31.61
CA SER B 167 1.93 1.14 31.57
C SER B 167 0.93 2.29 31.73
N HIS B 168 0.08 2.47 30.73
CA HIS B 168 -0.91 3.54 30.76
C HIS B 168 -1.82 3.63 31.98
N TYR B 169 -1.67 2.72 32.94
CA TYR B 169 -2.62 2.62 34.06
C TYR B 169 -2.55 3.82 35.02
N ARG B 170 -3.70 4.36 35.37
CA ARG B 170 -3.75 5.48 36.30
C ARG B 170 -4.46 4.94 37.55
N ALA B 171 -4.46 5.73 38.63
CA ALA B 171 -5.06 5.31 39.90
C ALA B 171 -6.57 5.51 40.04
N GLU C 1 20.59 -16.38 -35.07
CA GLU C 1 21.10 -16.16 -33.69
C GLU C 1 22.64 -16.31 -33.67
N ASP C 2 23.32 -15.29 -34.21
CA ASP C 2 24.77 -15.15 -34.34
C ASP C 2 25.32 -14.37 -33.13
N PRO C 3 26.53 -13.82 -33.28
CA PRO C 3 27.11 -13.02 -32.20
C PRO C 3 26.26 -11.74 -32.28
N PRO C 4 26.84 -10.54 -32.18
CA PRO C 4 28.24 -10.14 -31.99
C PRO C 4 28.47 -9.49 -30.64
N ALA C 5 29.53 -8.71 -30.56
CA ALA C 5 29.90 -8.01 -29.36
C ALA C 5 29.34 -6.63 -29.64
N CYS C 6 28.09 -6.62 -30.12
CA CYS C 6 27.40 -5.40 -30.48
C CYS C 6 27.26 -4.48 -29.30
N GLY C 7 27.16 -3.19 -29.57
CA GLY C 7 27.00 -2.21 -28.52
C GLY C 7 28.10 -2.12 -27.48
N SER C 8 28.59 -0.90 -27.30
CA SER C 8 29.60 -0.64 -26.30
C SER C 8 28.74 0.02 -25.24
N ILE C 9 28.18 -0.83 -24.40
CA ILE C 9 27.29 -0.43 -23.31
C ILE C 9 28.14 -0.37 -22.06
N VAL C 10 27.95 0.68 -21.27
CA VAL C 10 28.70 0.85 -20.04
C VAL C 10 28.01 0.03 -18.96
N PRO C 11 28.69 -0.98 -18.40
CA PRO C 11 28.03 -1.78 -17.36
C PRO C 11 27.73 -1.06 -16.07
N ARG C 12 26.74 -1.59 -15.35
CA ARG C 12 26.34 -1.01 -14.09
C ARG C 12 27.54 -0.75 -13.18
N ARG C 13 28.37 -1.76 -12.99
CA ARG C 13 29.53 -1.61 -12.13
C ARG C 13 30.40 -0.40 -12.51
N GLU C 14 30.56 -0.16 -13.81
CA GLU C 14 31.37 0.95 -14.30
C GLU C 14 30.76 2.33 -13.99
N TRP C 15 29.43 2.47 -14.00
CA TRP C 15 28.92 3.79 -13.65
C TRP C 15 28.55 3.77 -12.19
N ARG C 16 28.92 2.67 -11.53
CA ARG C 16 28.70 2.44 -10.10
C ARG C 16 27.25 2.40 -9.64
N ALA C 17 26.44 1.62 -10.33
CA ALA C 17 25.03 1.46 -10.02
C ALA C 17 24.86 0.81 -8.65
N LEU C 18 23.75 1.10 -7.98
CA LEU C 18 23.48 0.48 -6.69
C LEU C 18 22.90 -0.83 -7.16
N ALA C 19 23.08 -1.88 -6.38
CA ALA C 19 22.55 -3.19 -6.75
C ALA C 19 21.06 -3.10 -7.02
N SER C 20 20.62 -3.75 -8.10
CA SER C 20 19.20 -3.74 -8.42
C SER C 20 18.49 -4.77 -7.58
N GLU C 21 17.19 -4.59 -7.39
CA GLU C 21 16.40 -5.52 -6.62
C GLU C 21 15.25 -6.06 -7.45
N CYS C 22 15.22 -5.69 -8.73
CA CYS C 22 14.16 -6.14 -9.63
C CYS C 22 14.27 -7.61 -10.04
N ARG C 23 13.14 -8.29 -10.12
CA ARG C 23 13.15 -9.70 -10.47
C ARG C 23 12.21 -10.09 -11.62
N GLU C 24 11.31 -9.19 -12.00
CA GLU C 24 10.38 -9.47 -13.10
C GLU C 24 11.10 -9.50 -14.44
N ARG C 25 10.82 -10.53 -15.23
CA ARG C 25 11.47 -10.66 -16.53
C ARG C 25 10.62 -10.24 -17.72
N LEU C 26 11.31 -9.87 -18.79
CA LEU C 26 10.67 -9.49 -20.03
C LEU C 26 10.78 -10.75 -20.85
N THR C 27 9.83 -11.01 -21.73
CA THR C 27 9.98 -12.22 -22.53
C THR C 27 10.49 -11.84 -23.91
N ARG C 28 11.58 -12.48 -24.33
CA ARG C 28 12.16 -12.17 -25.63
C ARG C 28 11.64 -13.06 -26.76
N PRO C 29 11.52 -12.52 -27.99
CA PRO C 29 11.86 -11.15 -28.40
C PRO C 29 10.80 -10.07 -28.08
N VAL C 30 11.24 -8.96 -27.50
CA VAL C 30 10.34 -7.86 -27.16
C VAL C 30 9.93 -7.13 -28.44
N ARG C 31 8.64 -6.88 -28.59
CA ARG C 31 8.10 -6.22 -29.80
C ARG C 31 8.23 -4.70 -29.86
N TYR C 32 8.33 -4.05 -28.70
CA TYR C 32 8.39 -2.58 -28.61
C TYR C 32 9.56 -1.88 -27.90
N VAL C 33 9.76 -0.63 -28.27
CA VAL C 33 10.78 0.24 -27.68
C VAL C 33 10.11 1.60 -27.44
N VAL C 34 10.25 2.15 -26.23
CA VAL C 34 9.67 3.46 -25.90
C VAL C 34 10.77 4.46 -25.56
N VAL C 35 10.82 5.56 -26.30
CA VAL C 35 11.84 6.60 -26.10
C VAL C 35 11.42 7.79 -25.24
N SER C 36 12.12 7.96 -24.13
CA SER C 36 11.85 9.06 -23.20
C SER C 36 13.12 9.83 -22.96
N HIS C 37 13.02 10.92 -22.24
CA HIS C 37 14.19 11.68 -21.89
C HIS C 37 14.03 11.79 -20.39
N THR C 38 15.10 12.12 -19.69
CA THR C 38 15.06 12.24 -18.23
C THR C 38 14.55 13.61 -17.78
N ALA C 39 14.31 14.48 -18.75
CA ALA C 39 13.84 15.85 -18.50
C ALA C 39 14.74 16.63 -17.53
N GLY C 40 15.95 16.13 -17.29
CA GLY C 40 16.87 16.79 -16.37
C GLY C 40 18.11 17.49 -16.90
N SER C 41 19.14 17.57 -16.05
CA SER C 41 20.38 18.21 -16.46
C SER C 41 21.17 17.20 -17.28
N HIS C 42 21.84 17.66 -18.33
CA HIS C 42 22.59 16.75 -19.18
C HIS C 42 24.10 16.66 -18.87
N CYS C 43 24.77 15.74 -19.56
CA CYS C 43 26.20 15.47 -19.39
C CYS C 43 26.84 15.17 -20.75
N ASP C 44 28.03 15.71 -21.01
CA ASP C 44 28.66 15.40 -22.29
C ASP C 44 29.97 14.64 -22.15
N THR C 45 30.23 14.08 -20.97
CA THR C 45 31.45 13.31 -20.78
C THR C 45 31.23 11.95 -20.13
N PRO C 46 32.14 11.01 -20.38
CA PRO C 46 31.98 9.68 -19.78
C PRO C 46 31.99 9.86 -18.27
N ALA C 47 32.62 10.94 -17.82
CA ALA C 47 32.71 11.19 -16.39
C ALA C 47 31.45 11.80 -15.82
N SER C 48 30.91 12.84 -16.46
CA SER C 48 29.69 13.43 -15.92
C SER C 48 28.51 12.51 -16.19
N CYS C 49 28.48 11.87 -17.35
CA CYS C 49 27.39 10.97 -17.64
C CYS C 49 27.29 9.79 -16.67
N ALA C 50 28.42 9.22 -16.26
CA ALA C 50 28.35 8.14 -15.30
C ALA C 50 27.69 8.72 -14.03
N GLN C 51 28.01 9.98 -13.74
CA GLN C 51 27.47 10.65 -12.58
C GLN C 51 25.97 10.88 -12.70
N GLN C 52 25.54 11.36 -13.87
CA GLN C 52 24.12 11.60 -14.09
C GLN C 52 23.39 10.28 -13.96
N ALA C 53 23.92 9.23 -14.59
CA ALA C 53 23.28 7.92 -14.50
C ALA C 53 23.07 7.59 -13.03
N GLN C 54 24.04 7.93 -12.19
CA GLN C 54 23.91 7.68 -10.76
C GLN C 54 22.76 8.45 -10.11
N ASN C 55 22.69 9.74 -10.42
CA ASN C 55 21.66 10.62 -9.88
C ASN C 55 20.28 10.09 -10.24
N VAL C 56 20.07 9.84 -11.52
CA VAL C 56 18.79 9.33 -11.97
C VAL C 56 18.40 8.08 -11.19
N GLN C 57 19.33 7.13 -10.99
CA GLN C 57 19.00 5.91 -10.24
C GLN C 57 18.67 6.24 -8.78
N SER C 58 19.42 7.20 -8.25
CA SER C 58 19.26 7.67 -6.89
C SER C 58 17.82 8.18 -6.68
N TYR C 59 17.34 8.95 -7.65
CA TYR C 59 15.99 9.50 -7.62
C TYR C 59 14.99 8.36 -7.60
N HIS C 60 15.05 7.50 -8.60
CA HIS C 60 14.14 6.37 -8.68
C HIS C 60 14.24 5.41 -7.50
N VAL C 61 15.44 5.20 -6.98
CA VAL C 61 15.60 4.26 -5.88
C VAL C 61 15.44 4.83 -4.47
N ARG C 62 16.04 5.98 -4.19
CA ARG C 62 15.91 6.58 -2.86
C ARG C 62 14.67 7.42 -2.64
N ASN C 63 14.31 8.26 -3.60
CA ASN C 63 13.12 9.09 -3.46
C ASN C 63 11.87 8.28 -3.71
N LEU C 64 11.82 7.58 -4.84
CA LEU C 64 10.66 6.77 -5.22
C LEU C 64 10.62 5.32 -4.74
N GLY C 65 11.63 4.89 -3.99
CA GLY C 65 11.65 3.54 -3.47
C GLY C 65 11.45 2.41 -4.47
N TRP C 66 12.02 2.57 -5.66
CA TRP C 66 11.92 1.56 -6.73
C TRP C 66 13.02 0.50 -6.68
N CYS C 67 12.78 -0.65 -7.33
CA CYS C 67 13.79 -1.71 -7.30
C CYS C 67 15.06 -1.40 -8.09
N ASP C 68 15.02 -0.37 -8.92
CA ASP C 68 16.20 0.04 -9.69
C ASP C 68 15.84 1.27 -10.52
N VAL C 69 16.80 1.79 -11.28
CA VAL C 69 16.50 2.95 -12.10
C VAL C 69 15.42 2.39 -13.03
N GLY C 70 14.48 3.24 -13.42
CA GLY C 70 13.38 2.75 -14.24
C GLY C 70 13.57 2.25 -15.66
N TYR C 71 14.51 2.81 -16.39
CA TYR C 71 14.75 2.46 -17.79
C TYR C 71 15.65 1.24 -18.01
N ASN C 72 15.52 0.63 -19.17
CA ASN C 72 16.34 -0.52 -19.46
C ASN C 72 17.72 -0.04 -19.87
N PHE C 73 17.78 1.10 -20.55
CA PHE C 73 19.05 1.69 -20.96
C PHE C 73 18.93 3.21 -20.99
N LEU C 74 20.05 3.90 -20.77
CA LEU C 74 20.09 5.35 -20.81
C LEU C 74 21.14 5.75 -21.81
N ILE C 75 20.86 6.81 -22.57
CA ILE C 75 21.76 7.30 -23.58
C ILE C 75 22.33 8.63 -23.15
N GLY C 76 23.67 8.76 -23.15
CA GLY C 76 24.28 10.00 -22.74
C GLY C 76 24.69 10.87 -23.91
N GLU C 77 24.91 12.16 -23.64
CA GLU C 77 25.31 13.09 -24.69
C GLU C 77 26.80 12.89 -24.96
N ASP C 78 27.41 12.00 -24.20
CA ASP C 78 28.82 11.71 -24.37
C ASP C 78 28.96 10.66 -25.47
N GLY C 79 27.81 10.18 -25.95
CA GLY C 79 27.80 9.18 -27.01
C GLY C 79 27.86 7.74 -26.55
N LEU C 80 27.62 7.49 -25.26
CA LEU C 80 27.67 6.13 -24.73
C LEU C 80 26.31 5.65 -24.24
N VAL C 81 26.20 4.35 -24.03
CA VAL C 81 24.94 3.75 -23.56
C VAL C 81 25.15 3.11 -22.19
N TYR C 82 24.40 3.61 -21.21
CA TYR C 82 24.49 3.10 -19.85
C TYR C 82 23.46 2.02 -19.60
N GLU C 83 23.92 0.91 -19.03
CA GLU C 83 23.06 -0.23 -18.73
C GLU C 83 22.12 0.14 -17.59
N GLY C 84 20.84 -0.10 -17.80
CA GLY C 84 19.87 0.18 -16.76
C GLY C 84 19.47 -1.19 -16.29
N ARG C 85 18.25 -1.59 -16.63
CA ARG C 85 17.79 -2.89 -16.24
C ARG C 85 18.12 -3.89 -17.33
N GLY C 86 18.83 -3.44 -18.36
CA GLY C 86 19.19 -4.34 -19.45
C GLY C 86 18.03 -4.93 -20.26
N TRP C 87 18.35 -5.86 -21.15
CA TRP C 87 17.39 -6.51 -22.06
C TRP C 87 16.38 -7.47 -21.45
N ASN C 88 16.73 -8.08 -20.33
CA ASN C 88 15.87 -9.10 -19.73
C ASN C 88 14.95 -8.74 -18.56
N ILE C 89 15.24 -7.67 -17.83
CA ILE C 89 14.38 -7.28 -16.72
C ILE C 89 13.34 -6.24 -17.15
N LYS C 90 12.09 -6.41 -16.74
CA LYS C 90 11.05 -5.46 -17.14
C LYS C 90 11.30 -4.10 -16.49
N GLY C 91 11.37 -3.05 -17.30
CA GLY C 91 11.60 -1.72 -16.77
C GLY C 91 10.36 -1.10 -16.12
N ALA C 92 10.50 0.15 -15.68
CA ALA C 92 9.42 0.94 -15.03
C ALA C 92 9.52 2.31 -15.68
N HIS C 93 9.02 2.43 -16.90
CA HIS C 93 9.17 3.67 -17.63
C HIS C 93 7.84 4.16 -18.24
N ALA C 94 7.06 3.29 -18.85
CA ALA C 94 5.80 3.74 -19.40
C ALA C 94 4.48 3.13 -18.97
N GLY C 95 4.35 2.78 -17.69
CA GLY C 95 3.10 2.22 -17.22
C GLY C 95 2.92 0.71 -17.32
N PRO C 96 1.88 0.18 -16.65
CA PRO C 96 1.47 -1.23 -16.55
C PRO C 96 1.23 -1.96 -17.86
N THR C 97 0.73 -1.25 -18.85
CA THR C 97 0.43 -1.85 -20.13
C THR C 97 1.62 -2.00 -21.07
N TRP C 98 2.49 -1.00 -21.13
CA TRP C 98 3.64 -1.08 -22.01
C TRP C 98 4.94 -1.62 -21.41
N ASN C 99 5.12 -1.48 -20.10
CA ASN C 99 6.33 -1.99 -19.46
C ASN C 99 6.61 -3.48 -19.76
N PRO C 100 5.60 -4.35 -19.61
CA PRO C 100 5.77 -5.79 -19.86
C PRO C 100 6.05 -6.20 -21.31
N ILE C 101 5.88 -5.29 -22.25
CA ILE C 101 6.07 -5.65 -23.65
C ILE C 101 6.98 -4.70 -24.41
N SER C 102 7.83 -3.98 -23.69
CA SER C 102 8.71 -3.02 -24.34
C SER C 102 10.03 -2.84 -23.62
N ILE C 103 10.94 -2.14 -24.30
CA ILE C 103 12.24 -1.81 -23.75
C ILE C 103 12.20 -0.29 -23.69
N GLY C 104 12.60 0.28 -22.57
CA GLY C 104 12.57 1.72 -22.44
C GLY C 104 13.95 2.34 -22.43
N ILE C 105 14.32 3.02 -23.51
CA ILE C 105 15.64 3.66 -23.53
C ILE C 105 15.31 5.11 -23.27
N SER C 106 16.18 5.78 -22.53
CA SER C 106 15.95 7.17 -22.16
C SER C 106 17.20 8.02 -22.36
N PHE C 107 17.03 9.18 -22.97
CA PHE C 107 18.14 10.11 -23.21
C PHE C 107 18.33 11.03 -22.01
N MET C 108 19.55 11.09 -21.49
CA MET C 108 19.81 11.94 -20.35
C MET C 108 19.85 13.42 -20.70
N GLY C 109 18.84 14.16 -20.22
CA GLY C 109 18.73 15.59 -20.48
C GLY C 109 17.31 15.99 -20.81
N ASN C 110 17.08 17.25 -21.15
CA ASN C 110 15.74 17.71 -21.49
C ASN C 110 15.72 18.21 -22.94
N TYR C 111 14.95 17.51 -23.77
CA TYR C 111 14.88 17.85 -25.18
C TYR C 111 13.63 18.52 -25.73
N MET C 112 13.09 19.46 -24.98
CA MET C 112 11.92 20.19 -25.43
C MET C 112 12.52 21.28 -26.32
N ASN C 113 13.67 21.82 -25.90
CA ASN C 113 14.34 22.90 -26.63
C ASN C 113 15.51 22.54 -27.55
N ARG C 114 16.32 21.55 -27.16
CA ARG C 114 17.49 21.16 -27.94
C ARG C 114 17.35 19.74 -28.52
N VAL C 115 18.14 19.41 -29.53
CA VAL C 115 18.12 18.06 -30.08
C VAL C 115 19.36 17.47 -29.42
N PRO C 116 19.41 16.14 -29.27
CA PRO C 116 20.60 15.54 -28.64
C PRO C 116 21.64 15.37 -29.75
N PRO C 117 22.94 15.54 -29.42
CA PRO C 117 24.03 15.42 -30.40
C PRO C 117 24.01 14.16 -31.26
N PRO C 118 24.45 14.26 -32.52
CA PRO C 118 24.43 13.08 -33.38
C PRO C 118 24.98 11.79 -32.74
N ARG C 119 25.99 11.92 -31.88
CA ARG C 119 26.54 10.71 -31.27
C ARG C 119 25.60 10.06 -30.24
N ALA C 120 24.63 10.81 -29.73
CA ALA C 120 23.67 10.21 -28.80
C ALA C 120 22.69 9.48 -29.69
N LEU C 121 22.31 10.11 -30.79
CA LEU C 121 21.39 9.48 -31.71
C LEU C 121 22.05 8.20 -32.25
N ARG C 122 23.35 8.25 -32.57
CA ARG C 122 24.02 7.06 -33.08
C ARG C 122 24.04 5.98 -31.99
N ALA C 123 24.35 6.35 -30.76
CA ALA C 123 24.35 5.36 -29.69
C ALA C 123 23.00 4.62 -29.65
N ALA C 124 21.92 5.39 -29.64
CA ALA C 124 20.57 4.83 -29.59
C ALA C 124 20.25 3.85 -30.73
N GLN C 125 20.43 4.28 -31.97
CA GLN C 125 20.14 3.40 -33.11
C GLN C 125 20.96 2.11 -33.06
N ASN C 126 22.24 2.23 -32.78
CA ASN C 126 23.11 1.06 -32.70
C ASN C 126 22.63 0.15 -31.56
N LEU C 127 22.20 0.75 -30.46
CA LEU C 127 21.71 -0.01 -29.33
C LEU C 127 20.61 -0.93 -29.81
N LEU C 128 19.71 -0.36 -30.61
CA LEU C 128 18.57 -1.11 -31.14
C LEU C 128 18.95 -2.19 -32.15
N ALA C 129 19.88 -1.92 -33.06
CA ALA C 129 20.28 -2.95 -34.01
C ALA C 129 20.84 -4.10 -33.17
N CYS C 130 21.61 -3.72 -32.16
CA CYS C 130 22.23 -4.67 -31.24
C CYS C 130 21.18 -5.57 -30.60
N GLY C 131 20.08 -4.98 -30.16
CA GLY C 131 19.04 -5.77 -29.54
C GLY C 131 18.45 -6.78 -30.50
N VAL C 132 18.40 -6.41 -31.78
CA VAL C 132 17.85 -7.31 -32.78
C VAL C 132 18.80 -8.46 -33.07
N ALA C 133 20.10 -8.19 -33.09
CA ALA C 133 21.11 -9.21 -33.36
C ALA C 133 21.15 -10.24 -32.25
N LEU C 134 20.96 -9.78 -31.02
CA LEU C 134 20.97 -10.65 -29.85
C LEU C 134 19.66 -11.41 -29.82
N GLY C 135 18.68 -10.86 -30.51
CA GLY C 135 17.37 -11.47 -30.55
C GLY C 135 16.51 -11.03 -29.39
N ALA C 136 16.90 -9.94 -28.74
CA ALA C 136 16.14 -9.41 -27.62
C ALA C 136 14.94 -8.60 -28.11
N LEU C 137 15.03 -8.10 -29.33
CA LEU C 137 13.96 -7.31 -29.96
C LEU C 137 13.58 -7.99 -31.26
N ARG C 138 12.30 -7.94 -31.64
CA ARG C 138 11.89 -8.55 -32.89
C ARG C 138 12.57 -7.76 -33.99
N SER C 139 12.94 -8.43 -35.08
CA SER C 139 13.60 -7.73 -36.17
C SER C 139 12.71 -6.58 -36.67
N ASN C 140 11.41 -6.76 -36.56
CA ASN C 140 10.44 -5.74 -36.99
C ASN C 140 9.87 -4.84 -35.91
N TYR C 141 10.58 -4.71 -34.79
CA TYR C 141 10.10 -3.87 -33.70
C TYR C 141 9.60 -2.47 -34.02
N GLU C 142 8.65 -2.00 -33.22
CA GLU C 142 8.05 -0.68 -33.38
C GLU C 142 8.57 0.29 -32.29
N VAL C 143 8.92 1.51 -32.70
CA VAL C 143 9.41 2.53 -31.78
C VAL C 143 8.32 3.55 -31.46
N LYS C 144 7.98 3.70 -30.18
CA LYS C 144 6.96 4.65 -29.76
C LYS C 144 7.70 5.66 -28.91
N GLY C 145 7.19 6.89 -28.88
CA GLY C 145 7.79 7.91 -28.06
C GLY C 145 7.02 7.90 -26.76
N HIS C 146 7.64 8.29 -25.67
CA HIS C 146 6.98 8.29 -24.36
C HIS C 146 5.60 8.97 -24.35
N ARG C 147 5.49 10.15 -24.94
CA ARG C 147 4.22 10.87 -24.95
C ARG C 147 3.13 10.13 -25.74
N ASP C 148 3.52 9.14 -26.54
CA ASP C 148 2.54 8.38 -27.32
C ASP C 148 1.89 7.28 -26.48
N VAL C 149 2.35 7.06 -25.26
CA VAL C 149 1.78 5.99 -24.44
C VAL C 149 1.38 6.39 -23.03
N GLN C 150 1.93 7.52 -22.58
CA GLN C 150 1.64 8.06 -21.27
C GLN C 150 1.56 9.57 -21.48
N PRO C 151 0.82 10.27 -20.61
CA PRO C 151 0.67 11.73 -20.71
C PRO C 151 1.97 12.36 -20.24
N THR C 152 2.78 12.87 -21.16
CA THR C 152 4.04 13.49 -20.76
C THR C 152 4.66 14.27 -21.92
N LEU C 153 5.49 15.25 -21.57
CA LEU C 153 6.17 16.05 -22.58
C LEU C 153 7.28 15.19 -23.16
N SER C 154 7.74 14.25 -22.34
CA SER C 154 8.79 13.30 -22.68
C SER C 154 8.44 12.62 -24.01
N PRO C 155 9.43 12.39 -24.90
CA PRO C 155 10.88 12.69 -24.84
C PRO C 155 11.36 14.12 -25.07
N GLY C 156 10.44 15.08 -25.12
CA GLY C 156 10.86 16.44 -25.38
C GLY C 156 10.51 16.65 -26.83
N ASP C 157 10.14 17.87 -27.21
CA ASP C 157 9.74 18.19 -28.58
C ASP C 157 10.69 17.88 -29.75
N ARG C 158 11.88 18.45 -29.73
CA ARG C 158 12.84 18.26 -30.82
C ARG C 158 13.22 16.79 -31.06
N LEU C 159 13.30 16.02 -29.99
CA LEU C 159 13.64 14.60 -30.08
C LEU C 159 12.41 13.82 -30.51
N TYR C 160 11.24 14.28 -30.10
CA TYR C 160 10.03 13.58 -30.50
C TYR C 160 10.00 13.74 -32.03
N GLU C 161 10.36 14.95 -32.45
CA GLU C 161 10.41 15.30 -33.84
C GLU C 161 11.33 14.35 -34.62
N ILE C 162 12.45 13.97 -34.00
CA ILE C 162 13.39 13.08 -34.64
C ILE C 162 12.95 11.62 -34.65
N ILE C 163 12.52 11.06 -33.52
CA ILE C 163 12.14 9.66 -33.57
C ILE C 163 10.95 9.36 -34.49
N GLN C 164 10.16 10.38 -34.83
CA GLN C 164 9.02 10.18 -35.72
C GLN C 164 9.45 9.89 -37.16
N THR C 165 10.70 10.21 -37.48
CA THR C 165 11.24 9.99 -38.81
C THR C 165 11.84 8.58 -38.94
N TRP C 166 12.29 8.02 -37.81
CA TRP C 166 12.90 6.70 -37.77
C TRP C 166 12.19 5.55 -38.47
N SER C 167 12.96 4.75 -39.18
CA SER C 167 12.45 3.60 -39.91
C SER C 167 11.45 2.77 -39.10
N HIS C 168 11.82 2.40 -37.87
CA HIS C 168 10.98 1.57 -37.02
C HIS C 168 9.82 2.21 -36.24
N TYR C 169 9.65 3.52 -36.35
CA TYR C 169 8.56 4.20 -35.65
C TYR C 169 7.20 3.73 -36.16
N ARG C 170 6.18 3.81 -35.32
CA ARG C 170 4.82 3.46 -35.72
C ARG C 170 3.84 4.32 -34.94
N ALA C 171 3.03 5.06 -35.69
CA ALA C 171 2.02 5.97 -35.17
C ALA C 171 1.41 5.58 -33.83
N GLU D 1 -24.65 18.60 13.17
CA GLU D 1 -24.01 18.51 11.82
C GLU D 1 -23.93 19.86 11.14
N ASP D 2 -23.37 19.86 9.93
CA ASP D 2 -23.24 21.07 9.13
C ASP D 2 -23.43 20.74 7.65
N PRO D 3 -24.69 20.60 7.20
CA PRO D 3 -25.06 20.27 5.81
C PRO D 3 -23.90 20.59 4.88
N PRO D 4 -23.46 19.59 4.07
CA PRO D 4 -22.34 19.75 3.13
C PRO D 4 -21.75 21.14 3.11
N ALA D 5 -22.15 21.92 2.10
CA ALA D 5 -21.71 23.29 1.93
C ALA D 5 -20.42 23.41 1.14
N CYS D 6 -20.21 22.53 0.03
CA CYS D 6 -19.02 22.58 -0.81
C CYS D 6 -19.29 22.12 -2.22
N GLY D 7 -18.50 22.60 -3.17
CA GLY D 7 -18.68 22.17 -4.53
C GLY D 7 -19.08 23.11 -5.63
N SER D 8 -18.14 23.90 -6.13
CA SER D 8 -18.42 24.79 -7.24
C SER D 8 -17.58 24.19 -8.37
N ILE D 9 -18.02 23.02 -8.82
CA ILE D 9 -17.34 22.27 -9.86
C ILE D 9 -18.07 22.36 -11.19
N VAL D 10 -17.30 22.62 -12.26
CA VAL D 10 -17.87 22.68 -13.61
C VAL D 10 -18.02 21.20 -13.96
N PRO D 11 -19.26 20.72 -14.14
CA PRO D 11 -19.39 19.29 -14.46
C PRO D 11 -18.95 18.88 -15.85
N ARG D 12 -18.96 17.57 -16.09
CA ARG D 12 -18.56 17.03 -17.37
C ARG D 12 -19.32 17.67 -18.53
N ARG D 13 -20.65 17.54 -18.55
CA ARG D 13 -21.40 18.15 -19.63
C ARG D 13 -21.08 19.62 -19.83
N GLU D 14 -20.91 20.39 -18.76
CA GLU D 14 -20.62 21.79 -19.00
C GLU D 14 -19.35 21.98 -19.83
N TRP D 15 -18.35 21.09 -19.74
CA TRP D 15 -17.19 21.26 -20.61
C TRP D 15 -17.24 20.32 -21.82
N ARG D 16 -18.38 19.65 -21.97
CA ARG D 16 -18.66 18.73 -23.08
C ARG D 16 -17.96 17.36 -23.14
N ALA D 17 -17.23 17.05 -22.08
CA ALA D 17 -16.50 15.79 -21.95
C ALA D 17 -17.08 14.53 -22.56
N LEU D 18 -16.34 13.91 -23.48
CA LEU D 18 -16.83 12.68 -24.08
C LEU D 18 -17.28 11.79 -22.95
N ALA D 19 -18.32 10.99 -23.13
CA ALA D 19 -18.79 10.13 -22.04
C ALA D 19 -17.63 9.30 -21.52
N SER D 20 -17.60 9.09 -20.21
CA SER D 20 -16.54 8.30 -19.59
C SER D 20 -16.88 6.84 -19.79
N GLU D 21 -15.87 5.97 -19.76
CA GLU D 21 -16.13 4.56 -19.93
C GLU D 21 -15.53 3.81 -18.76
N CYS D 22 -14.73 4.52 -17.97
CA CYS D 22 -14.10 3.92 -16.82
C CYS D 22 -15.11 3.36 -15.81
N ARG D 23 -14.80 2.21 -15.21
CA ARG D 23 -15.71 1.59 -14.24
C ARG D 23 -15.04 1.26 -12.90
N GLU D 24 -13.72 1.11 -12.89
CA GLU D 24 -13.01 0.77 -11.65
C GLU D 24 -13.12 1.88 -10.61
N ARG D 25 -13.47 1.50 -9.38
CA ARG D 25 -13.68 2.47 -8.29
C ARG D 25 -12.67 2.60 -7.15
N LEU D 26 -12.68 3.76 -6.51
CA LEU D 26 -11.81 4.03 -5.37
C LEU D 26 -12.66 3.70 -4.17
N THR D 27 -12.03 3.39 -3.05
CA THR D 27 -12.81 3.09 -1.87
C THR D 27 -12.60 4.25 -0.90
N ARG D 28 -13.70 4.87 -0.48
CA ARG D 28 -13.61 6.01 0.43
C ARG D 28 -13.70 5.60 1.89
N PRO D 29 -13.12 6.41 2.79
CA PRO D 29 -12.41 7.65 2.49
C PRO D 29 -11.00 7.42 1.95
N VAL D 30 -10.65 8.15 0.89
CA VAL D 30 -9.34 8.07 0.22
C VAL D 30 -8.31 8.77 1.12
N ARG D 31 -7.09 8.23 1.17
CA ARG D 31 -6.03 8.78 2.03
C ARG D 31 -5.05 9.75 1.38
N TYR D 32 -4.73 9.53 0.12
CA TYR D 32 -3.77 10.38 -0.57
C TYR D 32 -4.32 11.22 -1.69
N VAL D 33 -3.67 12.34 -1.93
CA VAL D 33 -4.04 13.24 -3.01
C VAL D 33 -2.73 13.53 -3.71
N VAL D 34 -2.72 13.36 -5.02
CA VAL D 34 -1.50 13.61 -5.80
C VAL D 34 -1.69 14.82 -6.70
N VAL D 35 -0.87 15.84 -6.49
CA VAL D 35 -0.96 17.05 -7.27
C VAL D 35 -0.01 17.07 -8.45
N SER D 36 -0.57 17.22 -9.65
CA SER D 36 0.24 17.24 -10.88
C SER D 36 -0.08 18.51 -11.65
N HIS D 37 0.47 18.62 -12.84
CA HIS D 37 0.16 19.75 -13.68
C HIS D 37 0.10 19.16 -15.08
N THR D 38 -0.62 19.83 -15.98
CA THR D 38 -0.79 19.36 -17.34
C THR D 38 0.43 19.59 -18.24
N ALA D 39 1.37 20.41 -17.76
CA ALA D 39 2.58 20.71 -18.53
C ALA D 39 2.29 21.36 -19.87
N GLY D 40 1.03 21.37 -20.29
CA GLY D 40 0.68 22.00 -21.55
C GLY D 40 0.47 23.47 -21.34
N SER D 41 -0.38 24.10 -22.17
CA SER D 41 -0.66 25.53 -22.04
C SER D 41 -1.71 25.84 -20.96
N HIS D 42 -1.82 27.09 -20.54
CA HIS D 42 -2.81 27.43 -19.52
C HIS D 42 -4.02 28.14 -20.13
N CYS D 43 -4.94 28.53 -19.27
CA CYS D 43 -6.17 29.20 -19.68
C CYS D 43 -6.58 30.10 -18.54
N ASP D 44 -7.18 31.25 -18.82
CA ASP D 44 -7.58 32.11 -17.70
C ASP D 44 -9.02 32.66 -17.78
N THR D 45 -9.90 31.92 -18.44
CA THR D 45 -11.30 32.28 -18.56
C THR D 45 -12.09 30.97 -18.70
N PRO D 46 -13.37 30.96 -18.31
CA PRO D 46 -14.22 29.78 -18.40
C PRO D 46 -14.35 28.94 -19.67
N ALA D 47 -14.65 29.58 -20.81
CA ALA D 47 -14.63 28.91 -22.11
C ALA D 47 -13.21 28.52 -22.52
N SER D 48 -12.23 29.32 -22.07
CA SER D 48 -10.84 29.05 -22.39
C SER D 48 -10.45 27.80 -21.62
N CYS D 49 -10.68 27.82 -20.30
CA CYS D 49 -10.34 26.66 -19.50
C CYS D 49 -11.20 25.44 -19.84
N ALA D 50 -12.44 25.67 -20.24
CA ALA D 50 -13.33 24.57 -20.58
C ALA D 50 -12.87 23.93 -21.89
N GLN D 51 -12.16 24.71 -22.69
CA GLN D 51 -11.65 24.23 -23.96
C GLN D 51 -10.51 23.25 -23.70
N GLN D 52 -9.64 23.58 -22.74
CA GLN D 52 -8.53 22.68 -22.46
C GLN D 52 -8.93 21.37 -21.81
N ALA D 53 -9.80 21.42 -20.82
CA ALA D 53 -10.25 20.18 -20.18
C ALA D 53 -10.67 19.21 -21.28
N GLN D 54 -11.16 19.77 -22.38
CA GLN D 54 -11.62 18.97 -23.51
C GLN D 54 -10.42 18.40 -24.31
N ASN D 55 -9.37 19.21 -24.49
CA ASN D 55 -8.18 18.79 -25.23
C ASN D 55 -7.47 17.70 -24.47
N VAL D 56 -7.16 18.02 -23.22
CA VAL D 56 -6.50 17.12 -22.32
C VAL D 56 -7.27 15.81 -22.33
N GLN D 57 -8.59 15.87 -22.31
CA GLN D 57 -9.33 14.62 -22.32
C GLN D 57 -9.14 13.93 -23.66
N SER D 58 -9.21 14.71 -24.73
CA SER D 58 -9.05 14.17 -26.07
C SER D 58 -7.72 13.40 -26.17
N TYR D 59 -6.65 14.02 -25.69
CA TYR D 59 -5.35 13.38 -25.73
C TYR D 59 -5.36 12.05 -24.96
N HIS D 60 -5.96 12.00 -23.78
CA HIS D 60 -5.99 10.75 -23.02
C HIS D 60 -6.92 9.66 -23.57
N VAL D 61 -8.00 10.05 -24.24
CA VAL D 61 -8.94 9.06 -24.77
C VAL D 61 -8.67 8.65 -26.22
N ARG D 62 -8.31 9.64 -27.04
CA ARG D 62 -8.06 9.44 -28.45
C ARG D 62 -6.62 9.00 -28.79
N ASN D 63 -5.63 9.67 -28.18
CA ASN D 63 -4.21 9.37 -28.42
C ASN D 63 -3.58 8.23 -27.61
N LEU D 64 -4.16 7.92 -26.45
CA LEU D 64 -3.62 6.87 -25.59
C LEU D 64 -4.63 5.76 -25.37
N GLY D 65 -5.84 5.96 -25.89
CA GLY D 65 -6.87 4.96 -25.75
C GLY D 65 -7.36 4.64 -24.36
N TRP D 66 -7.42 5.65 -23.49
CA TRP D 66 -7.90 5.44 -22.11
C TRP D 66 -9.41 5.54 -22.07
N CYS D 67 -10.02 5.07 -20.99
CA CYS D 67 -11.47 5.12 -20.85
C CYS D 67 -12.03 6.49 -20.50
N ASP D 68 -11.16 7.43 -20.11
CA ASP D 68 -11.60 8.77 -19.73
C ASP D 68 -10.33 9.62 -19.58
N VAL D 69 -10.49 10.91 -19.38
CA VAL D 69 -9.37 11.76 -19.00
C VAL D 69 -8.69 11.22 -17.73
N GLY D 70 -7.36 11.27 -17.68
CA GLY D 70 -6.63 10.74 -16.55
C GLY D 70 -6.91 11.20 -15.11
N TYR D 71 -7.02 12.50 -14.88
CA TYR D 71 -7.24 13.06 -13.56
C TYR D 71 -8.66 12.99 -13.00
N ASN D 72 -8.74 13.01 -11.68
CA ASN D 72 -10.03 12.99 -11.03
C ASN D 72 -10.62 14.40 -11.16
N PHE D 73 -9.75 15.41 -11.08
CA PHE D 73 -10.15 16.82 -11.19
C PHE D 73 -9.04 17.70 -11.76
N LEU D 74 -9.42 18.68 -12.59
CA LEU D 74 -8.44 19.61 -13.15
C LEU D 74 -8.75 20.98 -12.58
N ILE D 75 -7.72 21.81 -12.45
CA ILE D 75 -7.84 23.16 -11.91
C ILE D 75 -7.48 24.23 -12.95
N GLY D 76 -8.46 24.99 -13.42
CA GLY D 76 -8.15 26.02 -14.40
C GLY D 76 -7.67 27.26 -13.70
N GLU D 77 -7.09 28.20 -14.43
CA GLU D 77 -6.64 29.42 -13.80
C GLU D 77 -7.77 30.46 -13.82
N ASP D 78 -8.95 30.02 -14.23
CA ASP D 78 -10.13 30.87 -14.23
C ASP D 78 -10.63 30.79 -12.81
N GLY D 79 -10.01 29.90 -12.03
CA GLY D 79 -10.36 29.73 -10.63
C GLY D 79 -11.48 28.74 -10.35
N LEU D 80 -11.78 27.94 -11.36
CA LEU D 80 -12.81 26.92 -11.30
C LEU D 80 -12.14 25.57 -11.24
N VAL D 81 -12.93 24.57 -10.90
CA VAL D 81 -12.47 23.20 -10.80
C VAL D 81 -13.26 22.46 -11.85
N TYR D 82 -12.62 21.53 -12.52
CA TYR D 82 -13.28 20.78 -13.55
C TYR D 82 -13.40 19.32 -13.16
N GLU D 83 -14.60 18.80 -13.29
CA GLU D 83 -14.85 17.42 -12.94
C GLU D 83 -14.04 16.52 -13.88
N GLY D 84 -13.29 15.59 -13.29
CA GLY D 84 -12.51 14.65 -14.07
C GLY D 84 -13.21 13.34 -13.84
N ARG D 85 -12.51 12.33 -13.31
CA ARG D 85 -13.20 11.09 -13.06
C ARG D 85 -13.92 11.22 -11.72
N GLY D 86 -13.63 12.32 -11.01
CA GLY D 86 -14.27 12.56 -9.75
C GLY D 86 -13.78 11.82 -8.53
N TRP D 87 -14.61 11.84 -7.48
CA TRP D 87 -14.28 11.21 -6.21
C TRP D 87 -14.29 9.68 -6.13
N ASN D 88 -15.07 9.01 -6.97
CA ASN D 88 -15.24 7.57 -6.89
C ASN D 88 -14.54 6.63 -7.87
N ILE D 89 -14.03 7.17 -8.96
CA ILE D 89 -13.40 6.37 -10.00
C ILE D 89 -11.87 6.42 -9.99
N LYS D 90 -11.23 5.28 -10.19
CA LYS D 90 -9.76 5.23 -10.19
C LYS D 90 -9.18 6.00 -11.37
N GLY D 91 -8.32 6.97 -11.08
CA GLY D 91 -7.73 7.75 -12.14
C GLY D 91 -6.52 7.05 -12.71
N ALA D 92 -5.87 7.72 -13.66
CA ALA D 92 -4.67 7.22 -14.32
C ALA D 92 -3.83 8.48 -14.35
N HIS D 93 -3.14 8.78 -13.29
CA HIS D 93 -2.42 10.02 -13.26
C HIS D 93 -1.13 9.87 -12.54
N ALA D 94 -0.97 8.76 -11.82
CA ALA D 94 0.24 8.52 -11.04
C ALA D 94 0.57 7.04 -10.77
N GLY D 95 0.60 6.23 -11.81
CA GLY D 95 1.09 4.86 -11.74
C GLY D 95 0.20 3.88 -10.99
N PRO D 96 0.38 2.57 -11.24
CA PRO D 96 -0.40 1.47 -10.62
C PRO D 96 -0.36 1.40 -9.09
N THR D 97 0.63 2.03 -8.47
CA THR D 97 0.68 1.98 -7.03
C THR D 97 -0.21 3.01 -6.37
N TRP D 98 -0.21 4.22 -6.91
CA TRP D 98 -0.98 5.30 -6.34
C TRP D 98 -2.39 5.55 -6.87
N ASN D 99 -2.64 5.17 -8.12
CA ASN D 99 -3.95 5.39 -8.70
C ASN D 99 -5.09 4.75 -7.89
N PRO D 100 -4.91 3.51 -7.41
CA PRO D 100 -6.01 2.91 -6.65
C PRO D 100 -6.16 3.44 -5.24
N ILE D 101 -5.26 4.29 -4.78
CA ILE D 101 -5.40 4.77 -3.43
C ILE D 101 -5.23 6.27 -3.29
N SER D 102 -5.64 7.01 -4.32
CA SER D 102 -5.53 8.46 -4.29
C SER D 102 -6.43 9.18 -5.29
N ILE D 103 -6.56 10.49 -5.08
CA ILE D 103 -7.32 11.38 -5.93
C ILE D 103 -6.28 12.26 -6.64
N GLY D 104 -6.23 12.20 -7.96
CA GLY D 104 -5.28 13.01 -8.68
C GLY D 104 -5.88 14.31 -9.17
N ILE D 105 -5.29 15.44 -8.77
CA ILE D 105 -5.81 16.72 -9.22
C ILE D 105 -4.68 17.42 -9.96
N SER D 106 -4.99 17.90 -11.17
CA SER D 106 -3.98 18.55 -12.01
C SER D 106 -4.29 19.98 -12.42
N PHE D 107 -3.34 20.88 -12.21
CA PHE D 107 -3.52 22.29 -12.60
C PHE D 107 -3.30 22.36 -14.09
N MET D 108 -4.24 22.94 -14.82
CA MET D 108 -4.09 23.05 -16.27
C MET D 108 -3.05 24.10 -16.61
N GLY D 109 -1.84 23.65 -16.97
CA GLY D 109 -0.78 24.57 -17.32
C GLY D 109 0.56 23.98 -16.99
N ASN D 110 1.60 24.79 -17.04
CA ASN D 110 2.97 24.37 -16.75
C ASN D 110 3.57 25.36 -15.75
N TYR D 111 3.77 24.92 -14.50
CA TYR D 111 4.25 25.79 -13.44
C TYR D 111 5.70 25.67 -13.03
N MET D 112 6.55 25.43 -14.01
CA MET D 112 7.98 25.32 -13.79
C MET D 112 8.57 26.70 -13.49
N ASN D 113 8.17 27.70 -14.29
CA ASN D 113 8.66 29.07 -14.16
C ASN D 113 7.65 30.06 -13.58
N ARG D 114 6.42 29.63 -13.37
CA ARG D 114 5.37 30.50 -12.85
C ARG D 114 4.49 29.73 -11.87
N VAL D 115 3.67 30.47 -11.13
CA VAL D 115 2.75 29.88 -10.16
C VAL D 115 1.34 29.99 -10.67
N PRO D 116 0.44 29.18 -10.12
CA PRO D 116 -0.94 29.32 -10.58
C PRO D 116 -1.40 30.56 -9.82
N PRO D 117 -2.40 31.28 -10.33
CA PRO D 117 -2.90 32.48 -9.64
C PRO D 117 -3.64 32.14 -8.33
N PRO D 118 -3.61 33.06 -7.34
CA PRO D 118 -4.31 32.76 -6.08
C PRO D 118 -5.63 32.05 -6.25
N ARG D 119 -6.44 32.52 -7.20
CA ARG D 119 -7.75 31.91 -7.45
C ARG D 119 -7.64 30.40 -7.63
N ALA D 120 -6.66 29.97 -8.42
CA ALA D 120 -6.45 28.56 -8.69
C ALA D 120 -6.11 27.77 -7.44
N LEU D 121 -5.20 28.30 -6.63
CA LEU D 121 -4.78 27.64 -5.41
C LEU D 121 -5.93 27.57 -4.41
N ARG D 122 -6.85 28.53 -4.49
CA ARG D 122 -8.00 28.52 -3.60
C ARG D 122 -8.93 27.44 -4.10
N ALA D 123 -9.18 27.43 -5.41
CA ALA D 123 -10.07 26.43 -5.97
C ALA D 123 -9.61 25.03 -5.59
N ALA D 124 -8.30 24.81 -5.54
CA ALA D 124 -7.75 23.51 -5.21
C ALA D 124 -7.89 23.14 -3.74
N GLN D 125 -7.52 24.06 -2.85
CA GLN D 125 -7.60 23.82 -1.41
C GLN D 125 -9.04 23.63 -0.97
N ASN D 126 -9.91 24.45 -1.53
CA ASN D 126 -11.33 24.40 -1.24
C ASN D 126 -11.90 23.06 -1.72
N LEU D 127 -11.39 22.57 -2.85
CA LEU D 127 -11.84 21.31 -3.42
C LEU D 127 -11.53 20.18 -2.46
N LEU D 128 -10.36 20.24 -1.84
CA LEU D 128 -9.96 19.22 -0.91
C LEU D 128 -10.77 19.28 0.39
N ALA D 129 -11.05 20.48 0.87
CA ALA D 129 -11.83 20.62 2.11
C ALA D 129 -13.15 19.93 1.82
N CYS D 130 -13.63 20.12 0.60
CA CYS D 130 -14.88 19.54 0.14
C CYS D 130 -14.82 18.02 0.18
N GLY D 131 -13.72 17.48 -0.32
CA GLY D 131 -13.56 16.05 -0.36
C GLY D 131 -13.66 15.43 1.03
N VAL D 132 -13.15 16.15 2.01
CA VAL D 132 -13.19 15.69 3.39
C VAL D 132 -14.61 15.81 3.91
N ALA D 133 -15.26 16.94 3.65
CA ALA D 133 -16.63 17.15 4.10
C ALA D 133 -17.54 16.03 3.62
N LEU D 134 -17.35 15.62 2.37
CA LEU D 134 -18.15 14.55 1.77
C LEU D 134 -17.74 13.16 2.24
N GLY D 135 -16.65 13.06 2.98
CA GLY D 135 -16.23 11.76 3.44
C GLY D 135 -15.47 11.00 2.37
N ALA D 136 -15.17 11.69 1.27
CA ALA D 136 -14.45 11.10 0.17
C ALA D 136 -12.94 11.08 0.43
N LEU D 137 -12.46 11.89 1.36
CA LEU D 137 -11.04 11.89 1.69
C LEU D 137 -10.92 11.72 3.21
N ARG D 138 -9.83 11.10 3.64
CA ARG D 138 -9.61 10.92 5.07
C ARG D 138 -9.43 12.29 5.65
N SER D 139 -9.94 12.51 6.85
CA SER D 139 -9.78 13.81 7.47
C SER D 139 -8.29 14.12 7.59
N ASN D 140 -7.48 13.08 7.73
CA ASN D 140 -6.02 13.29 7.81
C ASN D 140 -5.24 13.00 6.54
N TYR D 141 -5.87 13.13 5.39
CA TYR D 141 -5.29 12.69 4.12
C TYR D 141 -3.95 13.35 3.96
N GLU D 142 -3.16 12.88 2.99
CA GLU D 142 -1.81 13.40 2.73
C GLU D 142 -1.69 13.89 1.28
N VAL D 143 -0.99 15.01 1.09
CA VAL D 143 -0.81 15.54 -0.23
C VAL D 143 0.61 15.28 -0.69
N LYS D 144 0.76 14.61 -1.83
CA LYS D 144 2.07 14.29 -2.38
C LYS D 144 2.16 14.97 -3.73
N GLY D 145 3.37 15.35 -4.11
CA GLY D 145 3.55 15.97 -5.41
C GLY D 145 3.72 14.83 -6.37
N HIS D 146 3.37 15.04 -7.64
CA HIS D 146 3.49 13.99 -8.64
C HIS D 146 4.92 13.42 -8.63
N ARG D 147 5.92 14.29 -8.67
CA ARG D 147 7.32 13.87 -8.68
C ARG D 147 7.72 13.10 -7.43
N ASP D 148 6.90 13.15 -6.37
CA ASP D 148 7.21 12.43 -5.14
C ASP D 148 6.85 10.96 -5.28
N VAL D 149 6.12 10.63 -6.33
CA VAL D 149 5.70 9.24 -6.55
C VAL D 149 5.94 8.70 -7.96
N GLN D 150 6.27 9.56 -8.90
CA GLN D 150 6.54 9.15 -10.28
C GLN D 150 7.72 9.98 -10.73
N PRO D 151 8.45 9.52 -11.75
CA PRO D 151 9.58 10.33 -12.19
C PRO D 151 8.94 11.26 -13.22
N THR D 152 8.96 12.55 -12.89
CA THR D 152 8.38 13.59 -13.75
C THR D 152 8.83 14.87 -13.09
N LEU D 153 8.67 15.99 -13.78
CA LEU D 153 8.93 17.29 -13.21
C LEU D 153 7.60 17.81 -12.65
N SER D 154 6.53 17.12 -13.02
CA SER D 154 5.19 17.46 -12.56
C SER D 154 5.21 17.55 -11.04
N PRO D 155 4.55 18.58 -10.46
CA PRO D 155 3.79 19.66 -11.10
C PRO D 155 4.53 20.98 -11.35
N GLY D 156 5.80 20.91 -11.75
CA GLY D 156 6.55 22.13 -11.99
C GLY D 156 7.18 22.67 -10.71
N ASP D 157 8.42 23.16 -10.80
CA ASP D 157 9.18 23.69 -9.66
C ASP D 157 8.46 24.64 -8.72
N ARG D 158 7.88 25.71 -9.25
CA ARG D 158 7.20 26.67 -8.40
C ARG D 158 5.97 26.11 -7.69
N LEU D 159 5.09 25.43 -8.42
CA LEU D 159 3.92 24.85 -7.78
C LEU D 159 4.34 23.80 -6.75
N TYR D 160 5.37 23.00 -7.07
CA TYR D 160 5.85 22.01 -6.11
C TYR D 160 6.23 22.76 -4.85
N GLU D 161 6.92 23.89 -5.03
CA GLU D 161 7.34 24.70 -3.90
C GLU D 161 6.14 25.09 -3.06
N ILE D 162 5.03 25.43 -3.71
CA ILE D 162 3.84 25.82 -2.99
C ILE D 162 3.18 24.70 -2.17
N ILE D 163 2.89 23.56 -2.79
CA ILE D 163 2.24 22.48 -2.04
C ILE D 163 3.04 21.94 -0.86
N GLN D 164 4.36 22.03 -0.91
CA GLN D 164 5.20 21.55 0.19
C GLN D 164 4.87 22.30 1.46
N THR D 165 4.15 23.39 1.25
CA THR D 165 3.70 24.31 2.28
C THR D 165 2.37 23.88 2.90
N TRP D 166 1.51 23.27 2.10
CA TRP D 166 0.20 22.82 2.54
C TRP D 166 0.19 21.97 3.80
N SER D 167 -0.87 22.20 4.58
CA SER D 167 -1.12 21.51 5.83
C SER D 167 -1.02 20.00 5.74
N HIS D 168 -1.58 19.42 4.70
CA HIS D 168 -1.54 17.98 4.55
C HIS D 168 -0.42 17.46 3.67
N TYR D 169 0.65 18.23 3.47
CA TYR D 169 1.74 17.71 2.67
C TYR D 169 2.56 16.80 3.58
N ARG D 170 2.91 15.64 3.05
CA ARG D 170 3.71 14.65 3.75
C ARG D 170 4.47 13.94 2.64
N ALA D 171 5.75 14.27 2.50
CA ALA D 171 6.60 13.70 1.45
C ALA D 171 7.08 12.29 1.76
#